data_2CW5
#
_entry.id   2CW5
#
_cell.length_a   74.790
_cell.length_b   78.120
_cell.length_c   120.580
_cell.angle_alpha   90.00
_cell.angle_beta   90.00
_cell.angle_gamma   90.00
#
_symmetry.space_group_name_H-M   'P 21 21 21'
#
loop_
_entity.id
_entity.type
_entity.pdbx_description
1 polymer 'Bacterial fluorinating enzyme homolog'
2 water water
#
_entity_poly.entity_id   1
_entity_poly.type   'polypeptide(L)'
_entity_poly.pdbx_seq_one_letter_code
;(MSE)RPVYFLSDFGLEDPYVAVVKAVLAERAPGPAVVDLAHALPPQDLRRAAYALFEALPYLPEGAVVLAVVDPGVGTA
RRAVAALGRWTYVGPDNGLFTLAWLLDPPRRAFLLEPPRPRPKAALPGWAPGEATFHGRDVFAPAAAHLALGLPPEGLGP
EVPVETLARLPLALTEGPEGEVLTFDRFGNAITTLLRAPVGGFVEVGGRRVPVRRTFGEVPEGAPVAYLGSAGLLEVAVN
RGSAREALGLKEG(MSE)PVRLL
;
_entity_poly.pdbx_strand_id   A,B,C
#
# COMPACT_ATOMS: atom_id res chain seq x y z
N MSE A 1 -1.59 -23.17 11.75
CA MSE A 1 -1.88 -21.81 11.23
C MSE A 1 -0.63 -20.94 11.23
O MSE A 1 0.04 -20.80 12.26
CB MSE A 1 -2.94 -21.14 12.09
CG MSE A 1 -3.44 -19.80 11.56
SE MSE A 1 -4.41 -20.01 9.89
CE MSE A 1 -5.65 -21.37 10.50
N ARG A 2 -0.31 -20.37 10.08
CA ARG A 2 0.83 -19.48 9.94
C ARG A 2 0.40 -18.23 9.19
N PRO A 3 1.02 -17.08 9.48
CA PRO A 3 0.66 -15.84 8.80
C PRO A 3 1.17 -15.85 7.37
N VAL A 4 0.55 -15.05 6.51
CA VAL A 4 0.96 -14.96 5.11
C VAL A 4 1.47 -13.54 4.85
N TYR A 5 2.67 -13.46 4.29
CA TYR A 5 3.28 -12.18 3.94
C TYR A 5 3.26 -12.15 2.42
N PHE A 6 2.60 -11.13 1.87
CA PHE A 6 2.35 -11.01 0.44
C PHE A 6 3.10 -9.89 -0.30
N LEU A 7 3.84 -10.28 -1.33
CA LEU A 7 4.61 -9.33 -2.15
C LEU A 7 4.29 -9.49 -3.65
N SER A 8 4.29 -8.37 -4.36
CA SER A 8 4.04 -8.39 -5.80
C SER A 8 4.39 -7.05 -6.43
N ASP A 9 4.27 -6.98 -7.75
CA ASP A 9 4.54 -5.76 -8.50
C ASP A 9 3.29 -5.28 -9.24
N PHE A 10 2.13 -5.81 -8.84
CA PHE A 10 0.87 -5.45 -9.49
C PHE A 10 0.33 -4.08 -9.09
N GLY A 11 0.69 -3.64 -7.89
CA GLY A 11 0.20 -2.35 -7.39
C GLY A 11 -0.97 -2.65 -6.49
N LEU A 12 -1.15 -1.87 -5.42
CA LEU A 12 -2.26 -2.12 -4.51
C LEU A 12 -3.64 -2.06 -5.15
N GLU A 13 -3.78 -1.25 -6.20
CA GLU A 13 -5.06 -1.07 -6.87
C GLU A 13 -5.42 -2.17 -7.86
N ASP A 14 -4.52 -3.12 -8.10
CA ASP A 14 -4.85 -4.19 -9.03
C ASP A 14 -5.78 -5.18 -8.34
N PRO A 15 -6.89 -5.54 -9.00
CA PRO A 15 -7.82 -6.48 -8.39
C PRO A 15 -7.20 -7.85 -8.06
N TYR A 16 -6.09 -8.19 -8.70
CA TYR A 16 -5.47 -9.48 -8.41
C TYR A 16 -5.10 -9.49 -6.92
N VAL A 17 -4.64 -8.36 -6.42
CA VAL A 17 -4.26 -8.26 -5.01
C VAL A 17 -5.49 -8.50 -4.12
N ALA A 18 -6.63 -7.93 -4.50
CA ALA A 18 -7.85 -8.13 -3.72
C ALA A 18 -8.31 -9.58 -3.80
N VAL A 19 -8.18 -10.18 -4.97
CA VAL A 19 -8.58 -11.57 -5.16
C VAL A 19 -7.77 -12.47 -4.24
N VAL A 20 -6.45 -12.29 -4.25
CA VAL A 20 -5.61 -13.10 -3.38
C VAL A 20 -6.05 -12.96 -1.94
N LYS A 21 -6.27 -11.74 -1.48
CA LYS A 21 -6.71 -11.52 -0.10
C LYS A 21 -8.07 -12.19 0.17
N ALA A 22 -8.95 -12.20 -0.82
CA ALA A 22 -10.25 -12.84 -0.66
C ALA A 22 -10.08 -14.36 -0.58
N VAL A 23 -9.21 -14.91 -1.42
CA VAL A 23 -8.97 -16.36 -1.40
C VAL A 23 -8.38 -16.76 -0.05
N LEU A 24 -7.44 -15.97 0.45
CA LEU A 24 -6.81 -16.26 1.73
C LEU A 24 -7.76 -16.11 2.92
N ALA A 25 -8.78 -15.27 2.77
CA ALA A 25 -9.74 -15.04 3.85
C ALA A 25 -10.96 -15.95 3.70
N GLU A 26 -10.91 -16.86 2.74
CA GLU A 26 -12.00 -17.78 2.48
C GLU A 26 -12.08 -18.86 3.56
N ALA A 28 -13.38 -18.24 8.96
CA ALA A 28 -12.61 -18.20 10.23
C ALA A 28 -12.52 -19.60 10.84
N PRO A 29 -11.35 -19.94 11.41
CA PRO A 29 -10.17 -19.07 11.48
C PRO A 29 -9.35 -19.08 10.18
N GLY A 30 -8.79 -17.92 9.84
CA GLY A 30 -7.98 -17.80 8.64
C GLY A 30 -6.65 -17.16 8.98
N PRO A 31 -5.68 -17.15 8.05
CA PRO A 31 -4.38 -16.55 8.36
C PRO A 31 -4.35 -15.02 8.31
N ALA A 32 -3.47 -14.45 9.13
CA ALA A 32 -3.29 -13.02 9.14
C ALA A 32 -2.53 -12.76 7.83
N VAL A 33 -2.94 -11.74 7.08
CA VAL A 33 -2.27 -11.44 5.81
C VAL A 33 -1.63 -10.06 5.86
N VAL A 34 -0.31 -10.03 5.74
CA VAL A 34 0.42 -8.79 5.78
C VAL A 34 1.07 -8.52 4.43
N ASP A 35 0.87 -7.32 3.89
CA ASP A 35 1.47 -6.98 2.62
C ASP A 35 2.92 -6.55 2.81
N LEU A 36 3.82 -7.17 2.08
CA LEU A 36 5.23 -6.80 2.16
C LEU A 36 5.35 -5.51 1.33
N ALA A 37 4.84 -5.57 0.10
CA ALA A 37 4.83 -4.44 -0.82
C ALA A 37 4.19 -4.91 -2.12
N HIS A 38 3.49 -4.00 -2.80
CA HIS A 38 2.86 -4.33 -4.07
C HIS A 38 3.23 -3.33 -5.16
N ALA A 39 3.93 -2.28 -4.77
CA ALA A 39 4.35 -1.26 -5.73
C ALA A 39 5.79 -1.40 -6.18
N LEU A 40 6.33 -2.61 -6.11
CA LEU A 40 7.69 -2.84 -6.57
C LEU A 40 7.69 -2.51 -8.05
N PRO A 41 8.83 -2.04 -8.59
CA PRO A 41 8.89 -1.72 -10.02
C PRO A 41 8.44 -2.92 -10.85
N PRO A 42 7.55 -2.69 -11.82
CA PRO A 42 7.07 -3.80 -12.66
C PRO A 42 8.18 -4.68 -13.23
N GLN A 43 8.02 -5.99 -13.03
CA GLN A 43 8.93 -7.01 -13.54
C GLN A 43 10.38 -6.97 -13.06
N ASP A 44 10.65 -6.21 -12.00
CA ASP A 44 12.01 -6.08 -11.47
C ASP A 44 12.33 -7.19 -10.44
N LEU A 45 12.81 -8.33 -10.91
CA LEU A 45 13.14 -9.46 -10.03
C LEU A 45 14.25 -9.19 -9.02
N ARG A 46 15.24 -8.40 -9.40
CA ARG A 46 16.34 -8.12 -8.47
C ARG A 46 15.83 -7.30 -7.28
N ARG A 47 15.03 -6.27 -7.57
CA ARG A 47 14.47 -5.43 -6.52
C ARG A 47 13.58 -6.25 -5.59
N ALA A 48 12.76 -7.11 -6.18
CA ALA A 48 11.85 -7.94 -5.39
C ALA A 48 12.64 -8.94 -4.56
N ALA A 49 13.63 -9.56 -5.17
CA ALA A 49 14.46 -10.54 -4.48
C ALA A 49 15.09 -9.90 -3.24
N TYR A 50 15.56 -8.67 -3.39
CA TYR A 50 16.17 -7.96 -2.27
C TYR A 50 15.15 -7.64 -1.17
N ALA A 51 13.95 -7.21 -1.56
CA ALA A 51 12.92 -6.89 -0.58
C ALA A 51 12.68 -8.11 0.31
N LEU A 52 12.65 -9.29 -0.30
CA LEU A 52 12.44 -10.52 0.45
C LEU A 52 13.63 -10.75 1.40
N PHE A 53 14.84 -10.52 0.89
CA PHE A 53 16.05 -10.68 1.69
C PHE A 53 16.00 -9.75 2.91
N GLU A 54 15.58 -8.51 2.69
CA GLU A 54 15.48 -7.50 3.76
C GLU A 54 14.54 -7.91 4.90
N ALA A 55 13.39 -8.45 4.52
CA ALA A 55 12.36 -8.81 5.48
C ALA A 55 12.46 -10.16 6.16
N LEU A 56 12.89 -11.16 5.41
CA LEU A 56 12.95 -12.53 5.91
C LEU A 56 13.42 -12.79 7.34
N PRO A 57 14.60 -12.24 7.73
CA PRO A 57 15.11 -12.46 9.08
C PRO A 57 14.17 -12.05 10.22
N TYR A 58 13.22 -11.17 9.92
CA TYR A 58 12.30 -10.69 10.94
C TYR A 58 10.90 -11.28 10.90
N LEU A 59 10.64 -12.13 9.92
CA LEU A 59 9.32 -12.74 9.81
C LEU A 59 9.19 -13.93 10.75
N PRO A 60 7.98 -14.17 11.27
CA PRO A 60 7.74 -15.29 12.19
C PRO A 60 8.22 -16.57 11.52
N GLU A 61 8.90 -17.43 12.28
CA GLU A 61 9.37 -18.69 11.73
C GLU A 61 8.17 -19.46 11.18
N GLY A 62 8.31 -20.02 9.99
CA GLY A 62 7.23 -20.78 9.39
C GLY A 62 6.21 -19.96 8.61
N ALA A 63 6.40 -18.65 8.57
CA ALA A 63 5.48 -17.81 7.82
C ALA A 63 5.49 -18.21 6.35
N VAL A 64 4.36 -18.01 5.68
CA VAL A 64 4.25 -18.31 4.27
C VAL A 64 4.52 -17.04 3.49
N VAL A 65 5.59 -17.06 2.70
CA VAL A 65 5.96 -15.89 1.91
C VAL A 65 5.44 -16.09 0.49
N LEU A 66 4.38 -15.35 0.17
CA LEU A 66 3.74 -15.41 -1.13
C LEU A 66 4.24 -14.22 -1.92
N ALA A 67 5.03 -14.50 -2.95
CA ALA A 67 5.61 -13.44 -3.76
C ALA A 67 5.29 -13.69 -5.21
N VAL A 68 4.59 -12.75 -5.82
CA VAL A 68 4.20 -12.90 -7.21
C VAL A 68 4.68 -11.74 -8.06
N VAL A 69 5.90 -11.90 -8.56
CA VAL A 69 6.51 -10.93 -9.49
C VAL A 69 6.77 -11.92 -10.59
N ASP A 70 5.92 -11.89 -11.60
CA ASP A 70 5.96 -12.86 -12.67
C ASP A 70 6.08 -12.24 -14.06
N PRO A 71 7.27 -11.71 -14.39
CA PRO A 71 7.46 -11.11 -15.71
C PRO A 71 7.34 -12.14 -16.82
N GLY A 72 7.38 -13.41 -16.42
CA GLY A 72 7.26 -14.50 -17.37
C GLY A 72 5.82 -14.78 -17.70
N VAL A 73 4.98 -13.76 -17.58
CA VAL A 73 3.55 -13.89 -17.86
C VAL A 73 3.31 -14.62 -19.17
N GLY A 74 2.38 -15.57 -19.16
CA GLY A 74 2.05 -16.31 -20.36
C GLY A 74 3.21 -17.01 -21.04
N THR A 75 4.17 -17.50 -20.25
CA THR A 75 5.32 -18.20 -20.80
C THR A 75 5.54 -19.47 -19.97
N ALA A 76 6.36 -20.37 -20.49
CA ALA A 76 6.65 -21.61 -19.79
C ALA A 76 7.57 -21.35 -18.60
N ARG A 77 7.02 -21.53 -17.40
CA ARG A 77 7.77 -21.33 -16.16
C ARG A 77 6.94 -21.99 -15.07
N ARG A 78 7.61 -22.71 -14.18
CA ARG A 78 6.93 -23.41 -13.11
C ARG A 78 6.44 -22.50 -12.00
N ALA A 79 5.36 -22.94 -11.36
CA ALA A 79 4.80 -22.23 -10.21
C ALA A 79 5.20 -23.23 -9.13
N VAL A 80 5.85 -22.77 -8.06
CA VAL A 80 6.28 -23.71 -7.02
C VAL A 80 6.08 -23.23 -5.59
N ALA A 81 6.21 -24.18 -4.67
CA ALA A 81 6.14 -23.91 -3.24
C ALA A 81 7.42 -24.56 -2.74
N ALA A 82 8.15 -23.87 -1.86
CA ALA A 82 9.40 -24.39 -1.32
C ALA A 82 9.31 -24.32 0.19
N LEU A 83 9.80 -25.36 0.87
CA LEU A 83 9.74 -25.40 2.32
C LEU A 83 11.11 -25.39 2.99
N GLY A 84 11.29 -24.45 3.92
CA GLY A 84 12.52 -24.33 4.67
C GLY A 84 12.13 -23.86 6.06
N ARG A 85 12.92 -22.98 6.66
CA ARG A 85 12.58 -22.44 7.99
C ARG A 85 11.32 -21.61 7.80
N TRP A 86 11.20 -21.04 6.61
CA TRP A 86 10.03 -20.27 6.23
C TRP A 86 9.49 -21.01 5.01
N THR A 87 8.30 -20.65 4.57
CA THR A 87 7.68 -21.29 3.41
C THR A 87 7.53 -20.29 2.29
N TYR A 88 7.75 -20.75 1.06
CA TYR A 88 7.68 -19.85 -0.11
C TYR A 88 6.73 -20.33 -1.20
N VAL A 89 5.95 -19.40 -1.72
CA VAL A 89 5.02 -19.70 -2.81
C VAL A 89 5.20 -18.64 -3.88
N GLY A 90 5.60 -19.06 -5.07
CA GLY A 90 5.75 -18.07 -6.13
C GLY A 90 6.29 -18.68 -7.41
N PRO A 91 6.54 -17.85 -8.43
CA PRO A 91 7.07 -18.35 -9.70
C PRO A 91 8.50 -18.84 -9.54
N ASP A 92 8.83 -19.87 -10.29
CA ASP A 92 10.18 -20.43 -10.25
C ASP A 92 11.03 -19.65 -11.25
N ASN A 93 11.26 -18.38 -10.95
CA ASN A 93 12.05 -17.52 -11.84
C ASN A 93 13.23 -16.86 -11.14
N GLY A 94 13.58 -17.36 -9.96
CA GLY A 94 14.71 -16.81 -9.21
C GLY A 94 14.37 -15.70 -8.22
N LEU A 95 13.09 -15.35 -8.15
CA LEU A 95 12.63 -14.31 -7.23
C LEU A 95 13.09 -14.57 -5.79
N PHE A 96 13.08 -15.83 -5.37
CA PHE A 96 13.47 -16.18 -4.00
C PHE A 96 14.96 -16.45 -3.79
N THR A 97 15.77 -16.15 -4.80
CA THR A 97 17.21 -16.41 -4.74
C THR A 97 17.92 -15.97 -3.46
N LEU A 98 17.77 -14.70 -3.09
CA LEU A 98 18.44 -14.20 -1.90
C LEU A 98 17.84 -14.76 -0.61
N ALA A 99 16.52 -14.98 -0.60
CA ALA A 99 15.89 -15.53 0.59
C ALA A 99 16.42 -16.95 0.82
N TRP A 100 16.63 -17.68 -0.27
CA TRP A 100 17.14 -19.04 -0.17
C TRP A 100 18.61 -19.12 0.25
N LEU A 101 19.32 -18.01 0.18
CA LEU A 101 20.72 -17.98 0.62
C LEU A 101 20.65 -18.00 2.14
N LEU A 102 19.66 -17.32 2.68
CA LEU A 102 19.48 -17.28 4.13
C LEU A 102 18.80 -18.55 4.62
N ASP A 103 17.91 -19.09 3.80
CA ASP A 103 17.12 -20.27 4.16
C ASP A 103 17.03 -21.29 3.01
N PRO A 104 18.06 -22.13 2.83
CA PRO A 104 18.09 -23.15 1.77
C PRO A 104 16.89 -24.09 1.87
N PRO A 105 16.06 -24.13 0.83
CA PRO A 105 14.88 -24.99 0.82
C PRO A 105 15.21 -26.47 1.05
N ARG A 106 14.38 -27.13 1.84
CA ARG A 106 14.55 -28.55 2.14
C ARG A 106 13.70 -29.37 1.16
N ARG A 107 12.56 -28.80 0.77
CA ARG A 107 11.65 -29.47 -0.16
C ARG A 107 11.03 -28.46 -1.11
N ALA A 108 10.61 -28.94 -2.28
CA ALA A 108 9.98 -28.12 -3.31
C ALA A 108 8.85 -28.91 -3.95
N PHE A 109 7.81 -28.20 -4.37
CA PHE A 109 6.64 -28.81 -4.99
C PHE A 109 6.20 -27.98 -6.18
N LEU A 110 5.73 -28.66 -7.22
CA LEU A 110 5.25 -28.00 -8.41
C LEU A 110 3.76 -27.75 -8.17
N LEU A 111 3.33 -26.51 -8.33
CA LEU A 111 1.92 -26.18 -8.11
C LEU A 111 1.12 -26.50 -9.37
N GLU A 112 0.36 -27.58 -9.31
CA GLU A 112 -0.45 -27.99 -10.45
C GLU A 112 -1.78 -27.26 -10.53
N PRO A 113 -2.17 -26.86 -11.76
CA PRO A 113 -3.43 -26.15 -11.95
C PRO A 113 -4.62 -27.08 -11.71
N PRO A 114 -5.77 -26.51 -11.31
CA PRO A 114 -6.96 -27.32 -11.06
C PRO A 114 -7.57 -27.85 -12.35
N GLY A 134 0.03 -19.49 -15.13
CA GLY A 134 -1.25 -19.47 -14.36
C GLY A 134 -1.05 -19.09 -12.91
N ARG A 135 -1.25 -17.81 -12.60
CA ARG A 135 -1.08 -17.31 -11.24
C ARG A 135 -2.25 -17.66 -10.32
N ASP A 136 -3.31 -18.22 -10.87
CA ASP A 136 -4.45 -18.58 -10.04
C ASP A 136 -4.13 -19.78 -9.16
N VAL A 137 -2.90 -20.29 -9.25
CA VAL A 137 -2.51 -21.41 -8.41
C VAL A 137 -1.81 -20.93 -7.15
N PHE A 138 -1.28 -19.71 -7.20
CA PHE A 138 -0.56 -19.15 -6.06
C PHE A 138 -1.35 -18.95 -4.78
N ALA A 139 -2.44 -18.18 -4.84
CA ALA A 139 -3.24 -17.92 -3.65
C ALA A 139 -3.71 -19.21 -2.98
N PRO A 140 -4.30 -20.15 -3.74
CA PRO A 140 -4.78 -21.40 -3.15
C PRO A 140 -3.67 -22.16 -2.44
N ALA A 141 -2.48 -22.17 -3.04
CA ALA A 141 -1.34 -22.87 -2.44
C ALA A 141 -0.95 -22.20 -1.13
N ALA A 142 -0.93 -20.88 -1.12
CA ALA A 142 -0.56 -20.14 0.08
C ALA A 142 -1.55 -20.46 1.21
N ALA A 143 -2.83 -20.44 0.88
CA ALA A 143 -3.86 -20.73 1.89
C ALA A 143 -3.70 -22.15 2.43
N HIS A 144 -3.47 -23.11 1.53
CA HIS A 144 -3.29 -24.51 1.88
C HIS A 144 -2.13 -24.65 2.88
N LEU A 145 -1.02 -23.99 2.59
CA LEU A 145 0.15 -24.05 3.47
C LEU A 145 -0.05 -23.29 4.78
N ALA A 146 -0.75 -22.17 4.73
CA ALA A 146 -1.00 -21.38 5.93
C ALA A 146 -1.81 -22.20 6.93
N LEU A 147 -2.72 -23.02 6.42
CA LEU A 147 -3.56 -23.86 7.28
C LEU A 147 -2.82 -25.08 7.82
N GLY A 148 -1.60 -25.28 7.33
CA GLY A 148 -0.80 -26.41 7.78
C GLY A 148 -1.19 -27.74 7.17
N LEU A 149 -1.78 -27.70 5.98
CA LEU A 149 -2.18 -28.93 5.29
C LEU A 149 -0.96 -29.56 4.60
N PRO A 150 -0.99 -30.89 4.39
CA PRO A 150 0.12 -31.61 3.74
C PRO A 150 0.59 -30.97 2.44
N PRO A 151 1.89 -30.64 2.36
CA PRO A 151 2.38 -30.04 1.11
C PRO A 151 2.16 -30.95 -0.09
N GLU A 152 2.11 -32.26 0.16
CA GLU A 152 1.87 -33.25 -0.91
C GLU A 152 0.60 -32.94 -1.69
N GLY A 153 -0.36 -32.28 -1.05
CA GLY A 153 -1.61 -31.98 -1.73
C GLY A 153 -1.54 -30.87 -2.76
N LEU A 154 -0.40 -30.17 -2.82
CA LEU A 154 -0.23 -29.07 -3.76
C LEU A 154 0.10 -29.52 -5.19
N GLY A 155 0.81 -30.64 -5.29
CA GLY A 155 1.20 -31.15 -6.58
C GLY A 155 2.41 -32.06 -6.41
N PRO A 156 3.07 -32.50 -7.49
CA PRO A 156 4.22 -33.37 -7.32
C PRO A 156 5.44 -32.71 -6.68
N GLU A 157 6.16 -33.49 -5.87
CA GLU A 157 7.37 -32.99 -5.22
C GLU A 157 8.48 -33.03 -6.26
N VAL A 158 9.40 -32.07 -6.18
CA VAL A 158 10.51 -31.99 -7.11
C VAL A 158 11.80 -31.73 -6.38
N PRO A 159 12.95 -31.95 -7.03
CA PRO A 159 14.24 -31.73 -6.37
C PRO A 159 14.43 -30.23 -6.10
N VAL A 160 15.03 -29.91 -4.96
CA VAL A 160 15.26 -28.51 -4.63
C VAL A 160 16.36 -27.88 -5.48
N GLU A 161 17.35 -28.69 -5.87
CA GLU A 161 18.45 -28.19 -6.69
C GLU A 161 17.98 -27.66 -8.05
N THR A 162 16.82 -28.12 -8.50
CA THR A 162 16.25 -27.71 -9.79
C THR A 162 15.63 -26.31 -9.78
N LEU A 163 15.43 -25.74 -8.59
CA LEU A 163 14.83 -24.42 -8.47
C LEU A 163 15.71 -23.37 -9.13
N ALA A 164 15.10 -22.50 -9.91
CA ALA A 164 15.83 -21.45 -10.62
C ALA A 164 16.41 -20.40 -9.67
N ARG A 165 17.60 -19.92 -10.00
CA ARG A 165 18.26 -18.90 -9.19
C ARG A 165 18.76 -17.79 -10.11
N LEU A 166 18.73 -16.56 -9.63
CA LEU A 166 19.21 -15.43 -10.42
C LEU A 166 20.73 -15.49 -10.35
N PRO A 167 21.43 -14.94 -11.37
CA PRO A 167 22.89 -14.96 -11.38
C PRO A 167 23.43 -13.94 -10.38
N LEU A 168 23.06 -14.13 -9.11
CA LEU A 168 23.46 -13.22 -8.05
C LEU A 168 24.19 -13.97 -6.95
N ALA A 169 25.14 -13.30 -6.33
CA ALA A 169 25.89 -13.90 -5.23
C ALA A 169 26.33 -12.79 -4.28
N LEU A 170 26.00 -12.94 -3.01
CA LEU A 170 26.42 -11.95 -2.02
C LEU A 170 27.84 -12.40 -1.73
N THR A 171 28.77 -11.45 -1.70
CA THR A 171 30.18 -11.80 -1.51
C THR A 171 30.93 -10.95 -0.49
N GLU A 172 32.03 -11.52 -0.02
CA GLU A 172 32.91 -10.86 0.93
C GLU A 172 33.72 -9.82 0.17
N GLY A 173 33.78 -9.98 -1.15
CA GLY A 173 34.52 -9.04 -1.97
C GLY A 173 35.84 -9.59 -2.46
N PRO A 174 36.74 -8.72 -2.95
CA PRO A 174 36.51 -7.27 -3.03
C PRO A 174 35.59 -6.86 -4.18
N GLU A 175 35.38 -7.77 -5.12
CA GLU A 175 34.54 -7.47 -6.28
C GLU A 175 33.06 -7.85 -6.09
N GLY A 176 32.19 -6.90 -6.39
CA GLY A 176 30.76 -7.13 -6.27
C GLY A 176 30.05 -6.41 -7.41
N GLU A 177 28.75 -6.15 -7.24
CA GLU A 177 28.00 -5.46 -8.28
C GLU A 177 26.80 -4.74 -7.67
N VAL A 178 26.23 -3.82 -8.43
CA VAL A 178 25.04 -3.12 -7.97
C VAL A 178 23.91 -4.12 -8.15
N LEU A 179 23.25 -4.42 -7.04
CA LEU A 179 22.15 -5.37 -7.02
C LEU A 179 20.85 -4.70 -7.46
N THR A 180 20.46 -3.65 -6.76
CA THR A 180 19.24 -2.92 -7.06
C THR A 180 19.29 -1.54 -6.40
N PHE A 181 18.15 -0.84 -6.39
CA PHE A 181 18.08 0.49 -5.79
C PHE A 181 16.84 0.60 -4.91
N ASP A 182 16.82 1.59 -4.01
CA ASP A 182 15.65 1.79 -3.18
C ASP A 182 14.94 3.01 -3.75
N ARG A 183 13.85 3.45 -3.12
CA ARG A 183 13.09 4.59 -3.63
C ARG A 183 13.82 5.93 -3.73
N PHE A 184 14.87 6.10 -2.94
CA PHE A 184 15.62 7.36 -2.96
C PHE A 184 16.81 7.35 -3.92
N GLY A 185 17.07 6.21 -4.54
CA GLY A 185 18.17 6.13 -5.47
C GLY A 185 19.44 5.58 -4.85
N ASN A 186 19.35 5.11 -3.59
CA ASN A 186 20.52 4.53 -2.95
C ASN A 186 20.78 3.22 -3.69
N ALA A 187 22.05 2.93 -3.97
CA ALA A 187 22.38 1.71 -4.68
C ALA A 187 22.70 0.58 -3.71
N ILE A 188 22.03 -0.56 -3.87
CA ILE A 188 22.28 -1.70 -3.01
C ILE A 188 23.28 -2.58 -3.77
N THR A 189 24.39 -2.94 -3.13
CA THR A 189 25.39 -3.79 -3.77
C THR A 189 25.35 -5.21 -3.20
N THR A 190 26.12 -6.11 -3.80
CA THR A 190 26.17 -7.49 -3.36
C THR A 190 27.28 -7.72 -2.33
N LEU A 191 27.94 -6.65 -1.94
CA LEU A 191 29.04 -6.74 -0.97
C LEU A 191 28.52 -6.82 0.47
N LEU A 192 29.00 -7.82 1.20
CA LEU A 192 28.60 -8.04 2.58
C LEU A 192 29.42 -7.22 3.58
N ARG A 193 30.48 -6.57 3.09
CA ARG A 193 31.33 -5.78 3.98
C ARG A 193 31.47 -4.33 3.56
N ALA A 194 31.50 -3.45 4.56
CA ALA A 194 31.65 -2.01 4.35
C ALA A 194 32.66 -1.51 5.39
N PRO A 195 33.95 -1.78 5.19
CA PRO A 195 34.99 -1.35 6.13
C PRO A 195 35.11 0.17 6.25
N VAL A 196 34.66 0.70 7.37
CA VAL A 196 34.72 2.14 7.61
C VAL A 196 36.14 2.66 7.46
N GLY A 197 36.27 3.81 6.81
CA GLY A 197 37.58 4.40 6.61
C GLY A 197 38.18 3.89 5.32
N GLY A 198 37.55 2.88 4.72
CA GLY A 198 38.02 2.34 3.47
C GLY A 198 37.39 3.03 2.29
N PHE A 199 37.56 2.47 1.11
CA PHE A 199 37.00 3.06 -0.11
C PHE A 199 36.45 1.98 -1.04
N VAL A 200 35.45 2.36 -1.83
CA VAL A 200 34.86 1.45 -2.78
C VAL A 200 34.86 2.13 -4.15
N GLU A 201 35.21 1.39 -5.18
CA GLU A 201 35.24 1.95 -6.52
C GLU A 201 33.99 1.53 -7.30
N VAL A 202 33.33 2.51 -7.89
CA VAL A 202 32.12 2.26 -8.67
C VAL A 202 32.11 3.22 -9.86
N GLY A 203 32.17 2.66 -11.06
CA GLY A 203 32.18 3.49 -12.25
C GLY A 203 33.52 4.17 -12.45
N GLY A 204 34.53 3.69 -11.73
CA GLY A 204 35.86 4.26 -11.84
C GLY A 204 36.13 5.35 -10.82
N ARG A 205 35.10 5.68 -10.03
CA ARG A 205 35.23 6.72 -9.01
C ARG A 205 35.39 6.12 -7.62
N ARG A 206 36.20 6.77 -6.79
CA ARG A 206 36.45 6.33 -5.43
C ARG A 206 35.43 6.92 -4.47
N VAL A 207 34.66 6.05 -3.82
CA VAL A 207 33.66 6.48 -2.87
C VAL A 207 34.07 6.06 -1.46
N PRO A 208 34.06 7.01 -0.50
CA PRO A 208 34.44 6.74 0.88
C PRO A 208 33.42 5.92 1.65
N VAL A 209 33.92 4.98 2.46
CA VAL A 209 33.04 4.15 3.27
C VAL A 209 32.96 4.78 4.66
N ARG A 210 31.74 5.04 5.12
CA ARG A 210 31.54 5.66 6.43
C ARG A 210 30.50 4.90 7.24
N ARG A 211 30.39 5.25 8.52
CA ARG A 211 29.42 4.60 9.40
C ARG A 211 27.99 4.92 8.98
N THR A 212 27.78 6.12 8.46
CA THR A 212 26.45 6.53 8.00
C THR A 212 26.60 7.47 6.80
N PHE A 213 25.51 7.66 6.07
CA PHE A 213 25.55 8.52 4.89
C PHE A 213 25.64 10.00 5.19
N GLY A 214 25.41 10.38 6.45
CA GLY A 214 25.46 11.78 6.82
C GLY A 214 26.85 12.31 7.14
N GLU A 215 27.82 11.41 7.24
CA GLU A 215 29.19 11.80 7.55
C GLU A 215 29.91 12.42 6.36
N VAL A 216 29.14 12.95 5.42
CA VAL A 216 29.71 13.58 4.23
C VAL A 216 28.87 14.78 3.82
N PRO A 217 29.48 15.72 3.07
CA PRO A 217 28.78 16.93 2.61
C PRO A 217 27.53 16.60 1.79
N GLU A 218 26.56 17.50 1.84
CA GLU A 218 25.31 17.31 1.10
C GLU A 218 25.65 17.20 -0.39
N GLY A 219 25.16 16.15 -1.04
CA GLY A 219 25.43 15.98 -2.46
C GLY A 219 26.67 15.16 -2.76
N ALA A 220 27.39 14.74 -1.72
CA ALA A 220 28.61 13.95 -1.89
C ALA A 220 28.31 12.45 -1.81
N PRO A 221 29.04 11.64 -2.61
CA PRO A 221 28.87 10.18 -2.63
C PRO A 221 29.44 9.55 -1.37
N VAL A 222 28.76 8.53 -0.84
CA VAL A 222 29.22 7.84 0.35
C VAL A 222 28.71 6.41 0.41
N ALA A 223 29.51 5.52 0.99
CA ALA A 223 29.15 4.11 1.11
C ALA A 223 29.03 3.76 2.59
N TYR A 224 28.15 2.82 2.91
CA TYR A 224 27.92 2.42 4.30
C TYR A 224 27.24 1.06 4.32
N LEU A 225 27.24 0.41 5.48
CA LEU A 225 26.57 -0.89 5.60
C LEU A 225 25.09 -0.59 5.83
N GLY A 226 24.25 -1.07 4.91
CA GLY A 226 22.82 -0.82 5.01
C GLY A 226 22.07 -1.61 6.06
N SER A 227 20.76 -1.35 6.14
CA SER A 227 19.89 -2.01 7.11
C SER A 227 19.76 -3.52 6.92
N ALA A 228 20.17 -4.02 5.75
CA ALA A 228 20.08 -5.45 5.47
C ALA A 228 21.45 -6.13 5.44
N GLY A 229 22.47 -5.44 5.95
CA GLY A 229 23.80 -6.04 5.97
C GLY A 229 24.57 -6.02 4.66
N LEU A 230 24.13 -5.21 3.69
CA LEU A 230 24.84 -5.11 2.43
C LEU A 230 25.37 -3.70 2.25
N LEU A 231 26.54 -3.57 1.62
CA LEU A 231 27.11 -2.24 1.39
C LEU A 231 26.21 -1.50 0.43
N GLU A 232 25.92 -0.24 0.76
CA GLU A 232 25.07 0.60 -0.07
C GLU A 232 25.84 1.84 -0.48
N VAL A 233 25.45 2.42 -1.62
CA VAL A 233 26.08 3.63 -2.10
C VAL A 233 25.00 4.69 -2.23
N ALA A 234 25.26 5.86 -1.66
CA ALA A 234 24.30 6.94 -1.69
C ALA A 234 24.95 8.30 -1.92
N VAL A 235 24.09 9.29 -2.11
CA VAL A 235 24.51 10.67 -2.26
C VAL A 235 23.72 11.33 -1.15
N ASN A 236 24.43 11.86 -0.16
CA ASN A 236 23.77 12.50 0.97
C ASN A 236 22.73 13.51 0.49
N ARG A 237 21.48 13.26 0.85
CA ARG A 237 20.36 14.12 0.47
C ARG A 237 20.12 14.12 -1.04
N GLY A 238 20.65 13.12 -1.73
CA GLY A 238 20.49 13.04 -3.17
C GLY A 238 20.21 11.62 -3.66
N SER A 239 20.38 11.40 -4.96
CA SER A 239 20.15 10.09 -5.55
C SER A 239 21.38 9.57 -6.28
N ALA A 240 22.02 8.58 -5.68
CA ALA A 240 23.21 7.98 -6.27
C ALA A 240 22.90 7.44 -7.65
N ARG A 241 21.74 6.79 -7.78
CA ARG A 241 21.32 6.20 -9.05
C ARG A 241 21.34 7.23 -10.17
N GLU A 242 20.67 8.35 -9.94
CA GLU A 242 20.60 9.42 -10.92
C GLU A 242 21.90 10.21 -11.02
N ALA A 243 22.31 10.80 -9.90
CA ALA A 243 23.53 11.61 -9.85
C ALA A 243 24.77 10.92 -10.39
N LEU A 244 24.91 9.62 -10.09
CA LEU A 244 26.07 8.87 -10.54
C LEU A 244 25.81 8.01 -11.78
N GLY A 245 24.58 8.06 -12.29
CA GLY A 245 24.24 7.28 -13.47
C GLY A 245 24.53 5.80 -13.25
N LEU A 246 24.12 5.29 -12.08
CA LEU A 246 24.36 3.89 -11.74
C LEU A 246 23.32 2.98 -12.39
N LYS A 247 23.72 1.74 -12.67
CA LYS A 247 22.83 0.76 -13.29
C LYS A 247 23.00 -0.58 -12.61
N GLU A 248 21.95 -1.38 -12.59
CA GLU A 248 22.03 -2.69 -11.97
C GLU A 248 23.06 -3.53 -12.74
N GLY A 249 23.85 -4.31 -12.02
CA GLY A 249 24.84 -5.15 -12.66
C GLY A 249 26.21 -4.51 -12.77
N MSE A 250 26.26 -3.22 -12.50
CA MSE A 250 27.51 -2.49 -12.58
C MSE A 250 28.54 -2.96 -11.56
O MSE A 250 28.21 -3.13 -10.37
CB MSE A 250 27.25 -0.99 -12.38
CG MSE A 250 28.44 -0.12 -12.69
SE MSE A 250 27.99 1.71 -12.38
CE MSE A 250 26.76 1.97 -13.84
N PRO A 251 29.78 -3.20 -12.00
CA PRO A 251 30.84 -3.66 -11.12
C PRO A 251 31.15 -2.66 -10.01
N VAL A 252 31.44 -3.19 -8.82
CA VAL A 252 31.78 -2.38 -7.65
C VAL A 252 32.95 -3.13 -7.03
N ARG A 253 33.87 -2.41 -6.40
CA ARG A 253 35.01 -3.09 -5.81
C ARG A 253 35.63 -2.40 -4.61
N LEU A 254 35.86 -3.17 -3.55
CA LEU A 254 36.46 -2.64 -2.35
C LEU A 254 37.94 -2.42 -2.66
N LEU A 255 38.45 -1.25 -2.28
CA LEU A 255 39.85 -0.92 -2.52
C LEU A 255 40.72 -1.31 -1.33
N MSE B 1 -24.28 -14.24 11.01
CA MSE B 1 -23.39 -13.07 10.69
C MSE B 1 -22.82 -13.22 9.30
O MSE B 1 -22.65 -14.32 8.79
CB MSE B 1 -22.22 -13.00 11.66
CG MSE B 1 -22.58 -13.07 13.13
SE MSE B 1 -20.98 -12.79 14.18
CE MSE B 1 -20.03 -14.43 13.79
N ARG B 2 -22.52 -12.08 8.68
CA ARG B 2 -21.93 -12.09 7.35
C ARG B 2 -20.70 -11.20 7.38
N PRO B 3 -19.66 -11.60 6.64
CA PRO B 3 -18.43 -10.81 6.59
C PRO B 3 -18.57 -9.52 5.83
N VAL B 4 -17.75 -8.55 6.20
CA VAL B 4 -17.75 -7.25 5.54
C VAL B 4 -16.45 -7.11 4.76
N TYR B 5 -16.58 -6.91 3.45
CA TYR B 5 -15.40 -6.70 2.62
C TYR B 5 -15.34 -5.19 2.44
N PHE B 6 -14.37 -4.60 3.13
CA PHE B 6 -14.18 -3.16 3.14
C PHE B 6 -13.28 -2.67 2.02
N LEU B 7 -13.92 -2.07 1.01
CA LEU B 7 -13.22 -1.55 -0.14
C LEU B 7 -13.24 -0.02 -0.10
N SER B 8 -12.14 0.59 -0.52
CA SER B 8 -12.09 2.04 -0.55
C SER B 8 -10.97 2.49 -1.46
N ASP B 9 -10.85 3.81 -1.61
CA ASP B 9 -9.84 4.39 -2.48
C ASP B 9 -8.82 5.22 -1.71
N PHE B 10 -8.48 4.80 -0.48
CA PHE B 10 -7.55 5.55 0.36
C PHE B 10 -6.09 5.56 -0.09
N GLY B 11 -5.65 4.53 -0.79
CA GLY B 11 -4.26 4.48 -1.25
C GLY B 11 -3.24 4.62 -0.12
N LEU B 12 -3.65 4.22 1.09
CA LEU B 12 -2.79 4.30 2.28
C LEU B 12 -2.30 5.71 2.58
N GLU B 13 -3.06 6.70 2.12
CA GLU B 13 -2.73 8.11 2.34
C GLU B 13 -3.76 8.80 3.22
N ASP B 14 -4.84 8.11 3.55
CA ASP B 14 -5.91 8.72 4.36
C ASP B 14 -6.20 7.89 5.61
N PRO B 15 -5.94 8.46 6.81
CA PRO B 15 -6.20 7.72 8.05
C PRO B 15 -7.66 7.37 8.33
N TYR B 16 -8.60 7.89 7.52
CA TYR B 16 -10.01 7.59 7.74
C TYR B 16 -10.28 6.09 7.70
N VAL B 17 -9.40 5.34 7.06
CA VAL B 17 -9.55 3.89 6.96
C VAL B 17 -9.63 3.29 8.37
N ALA B 18 -8.86 3.84 9.29
CA ALA B 18 -8.85 3.37 10.67
C ALA B 18 -10.15 3.73 11.39
N VAL B 19 -10.73 4.86 11.03
CA VAL B 19 -11.97 5.31 11.65
C VAL B 19 -13.11 4.37 11.25
N VAL B 20 -13.14 4.00 9.98
CA VAL B 20 -14.16 3.08 9.47
C VAL B 20 -14.05 1.75 10.21
N LYS B 21 -12.84 1.24 10.38
CA LYS B 21 -12.64 -0.02 11.09
C LYS B 21 -13.13 0.08 12.54
N ALA B 22 -12.88 1.23 13.16
CA ALA B 22 -13.28 1.49 14.55
C ALA B 22 -14.80 1.47 14.67
N VAL B 23 -15.46 2.10 13.70
CA VAL B 23 -16.91 2.17 13.69
C VAL B 23 -17.50 0.76 13.51
N LEU B 24 -16.95 0.01 12.55
CA LEU B 24 -17.42 -1.35 12.32
C LEU B 24 -17.20 -2.24 13.56
N ALA B 25 -16.07 -2.06 14.23
CA ALA B 25 -15.77 -2.86 15.43
C ALA B 25 -16.69 -2.49 16.58
N GLU B 26 -17.05 -1.21 16.68
CA GLU B 26 -17.92 -0.76 17.76
C GLU B 26 -19.39 -1.09 17.55
N ARG B 27 -19.85 -1.05 16.30
CA ARG B 27 -21.26 -1.33 16.02
C ARG B 27 -21.57 -2.79 15.71
N ALA B 28 -20.58 -3.54 15.26
CA ALA B 28 -20.76 -4.96 14.93
C ALA B 28 -19.45 -5.71 15.14
N PRO B 29 -19.03 -5.88 16.41
CA PRO B 29 -17.78 -6.58 16.69
C PRO B 29 -17.66 -8.01 16.17
N GLY B 30 -18.78 -8.72 16.11
CA GLY B 30 -18.74 -10.10 15.66
C GLY B 30 -18.28 -10.35 14.23
N PRO B 31 -18.94 -9.76 13.23
CA PRO B 31 -18.59 -9.92 11.81
C PRO B 31 -17.14 -9.60 11.45
N ALA B 32 -16.55 -10.46 10.63
CA ALA B 32 -15.18 -10.26 10.17
C ALA B 32 -15.17 -9.08 9.20
N VAL B 33 -14.06 -8.36 9.17
CA VAL B 33 -13.88 -7.24 8.27
C VAL B 33 -12.62 -7.52 7.46
N VAL B 34 -12.81 -7.76 6.16
CA VAL B 34 -11.69 -8.02 5.27
C VAL B 34 -11.24 -6.67 4.71
N ASP B 35 -10.01 -6.28 5.05
CA ASP B 35 -9.43 -5.01 4.65
C ASP B 35 -8.95 -4.95 3.21
N LEU B 36 -9.73 -4.27 2.37
CA LEU B 36 -9.41 -4.07 0.95
C LEU B 36 -9.61 -2.56 0.73
N ALA B 37 -9.37 -1.82 1.80
CA ALA B 37 -9.54 -0.36 1.82
C ALA B 37 -8.73 0.44 0.82
N HIS B 38 -7.72 -0.17 0.21
CA HIS B 38 -6.89 0.55 -0.74
C HIS B 38 -6.91 -0.12 -2.10
N ALA B 39 -7.93 -0.94 -2.33
CA ALA B 39 -8.04 -1.66 -3.59
C ALA B 39 -8.61 -0.83 -4.74
N LEU B 40 -9.31 0.25 -4.43
CA LEU B 40 -9.90 1.08 -5.49
C LEU B 40 -9.11 2.33 -5.81
N PRO B 41 -8.99 2.66 -7.10
CA PRO B 41 -8.24 3.86 -7.49
C PRO B 41 -9.16 5.07 -7.31
N PRO B 42 -8.61 6.17 -6.77
CA PRO B 42 -9.44 7.35 -6.57
C PRO B 42 -9.59 8.15 -7.88
N GLN B 43 -10.70 8.85 -8.03
CA GLN B 43 -10.94 9.67 -9.22
C GLN B 43 -10.79 8.91 -10.54
N ASP B 44 -11.35 7.71 -10.62
CA ASP B 44 -11.28 6.90 -11.83
C ASP B 44 -12.33 5.81 -11.66
N LEU B 45 -13.59 6.23 -11.76
CA LEU B 45 -14.72 5.35 -11.59
C LEU B 45 -14.73 4.12 -12.51
N ARG B 46 -14.34 4.30 -13.77
CA ARG B 46 -14.33 3.18 -14.70
C ARG B 46 -13.36 2.10 -14.23
N ARG B 47 -12.17 2.51 -13.81
CA ARG B 47 -11.20 1.54 -13.35
C ARG B 47 -11.63 0.92 -12.02
N ALA B 48 -12.25 1.71 -11.16
CA ALA B 48 -12.71 1.21 -9.86
C ALA B 48 -13.84 0.20 -10.09
N ALA B 49 -14.71 0.50 -11.04
CA ALA B 49 -15.83 -0.39 -11.37
C ALA B 49 -15.31 -1.71 -11.93
N TYR B 50 -14.24 -1.63 -12.71
CA TYR B 50 -13.61 -2.82 -13.28
C TYR B 50 -13.01 -3.69 -12.17
N ALA B 51 -12.32 -3.05 -11.24
CA ALA B 51 -11.69 -3.77 -10.14
C ALA B 51 -12.70 -4.61 -9.36
N LEU B 52 -13.88 -4.04 -9.11
CA LEU B 52 -14.93 -4.77 -8.40
C LEU B 52 -15.41 -5.93 -9.23
N PHE B 53 -15.55 -5.69 -10.54
CA PHE B 53 -15.99 -6.72 -11.48
C PHE B 53 -15.05 -7.94 -11.45
N GLU B 54 -13.75 -7.71 -11.35
CA GLU B 54 -12.81 -8.83 -11.32
C GLU B 54 -12.79 -9.55 -9.97
N ALA B 55 -12.87 -8.78 -8.89
CA ALA B 55 -12.81 -9.34 -7.54
C ALA B 55 -14.11 -9.98 -7.01
N LEU B 56 -15.26 -9.37 -7.31
CA LEU B 56 -16.54 -9.87 -6.81
C LEU B 56 -16.77 -11.39 -6.78
N PRO B 57 -16.51 -12.10 -7.89
CA PRO B 57 -16.70 -13.55 -7.94
C PRO B 57 -16.00 -14.35 -6.86
N TYR B 58 -14.93 -13.78 -6.30
CA TYR B 58 -14.14 -14.47 -5.27
C TYR B 58 -14.62 -14.21 -3.85
N LEU B 59 -15.60 -13.34 -3.71
CA LEU B 59 -16.15 -13.04 -2.41
C LEU B 59 -17.24 -14.05 -2.09
N PRO B 60 -17.35 -14.43 -0.81
CA PRO B 60 -18.39 -15.40 -0.44
C PRO B 60 -19.79 -14.80 -0.61
N GLU B 61 -20.72 -15.60 -1.11
CA GLU B 61 -22.07 -15.10 -1.31
C GLU B 61 -22.62 -14.57 0.01
N GLY B 62 -23.37 -13.47 -0.07
CA GLY B 62 -23.94 -12.89 1.13
C GLY B 62 -23.06 -11.88 1.81
N ALA B 63 -21.79 -11.81 1.39
CA ALA B 63 -20.85 -10.86 1.99
C ALA B 63 -21.33 -9.43 1.77
N VAL B 64 -20.98 -8.56 2.71
CA VAL B 64 -21.35 -7.14 2.62
C VAL B 64 -20.19 -6.42 1.94
N VAL B 65 -20.42 -6.02 0.69
CA VAL B 65 -19.40 -5.32 -0.07
C VAL B 65 -19.55 -3.84 0.27
N LEU B 66 -18.67 -3.35 1.14
CA LEU B 66 -18.70 -1.96 1.56
C LEU B 66 -17.72 -1.11 0.78
N ALA B 67 -18.23 -0.08 0.12
CA ALA B 67 -17.40 0.85 -0.65
C ALA B 67 -17.53 2.25 -0.05
N VAL B 68 -16.47 2.68 0.63
CA VAL B 68 -16.43 4.01 1.24
C VAL B 68 -15.66 4.92 0.28
N VAL B 69 -16.37 5.89 -0.30
CA VAL B 69 -15.72 6.80 -1.24
C VAL B 69 -16.18 8.24 -1.01
N ALA B 76 -22.67 16.00 -5.39
CA ALA B 76 -23.23 15.17 -4.29
C ALA B 76 -23.97 13.97 -4.85
N ARG B 77 -23.88 12.84 -4.14
CA ARG B 77 -24.54 11.60 -4.56
C ARG B 77 -25.18 10.93 -3.36
N ARG B 78 -26.35 10.33 -3.55
CA ARG B 78 -27.03 9.66 -2.44
C ARG B 78 -26.28 8.35 -2.12
N ALA B 79 -26.50 7.83 -0.91
CA ALA B 79 -25.85 6.59 -0.50
C ALA B 79 -26.93 5.51 -0.54
N VAL B 80 -26.55 4.31 -0.98
CA VAL B 80 -27.53 3.23 -1.08
C VAL B 80 -26.99 1.89 -0.62
N ALA B 81 -27.91 0.95 -0.45
CA ALA B 81 -27.57 -0.42 -0.11
C ALA B 81 -28.36 -1.18 -1.16
N ALA B 82 -27.76 -2.22 -1.73
CA ALA B 82 -28.42 -3.03 -2.74
C ALA B 82 -28.28 -4.49 -2.35
N LEU B 83 -29.33 -5.28 -2.59
CA LEU B 83 -29.32 -6.69 -2.22
C LEU B 83 -29.43 -7.62 -3.41
N GLY B 84 -28.44 -8.49 -3.55
CA GLY B 84 -28.43 -9.47 -4.62
C GLY B 84 -27.77 -10.71 -4.03
N ARG B 85 -26.96 -11.42 -4.81
CA ARG B 85 -26.26 -12.59 -4.32
C ARG B 85 -25.34 -12.08 -3.22
N TRP B 86 -24.80 -10.89 -3.45
CA TRP B 86 -23.93 -10.23 -2.50
C TRP B 86 -24.70 -9.01 -2.04
N THR B 87 -24.25 -8.37 -0.97
CA THR B 87 -24.92 -7.19 -0.46
C THR B 87 -23.97 -6.01 -0.68
N TYR B 88 -24.52 -4.90 -1.14
CA TYR B 88 -23.71 -3.73 -1.44
C TYR B 88 -24.08 -2.50 -0.62
N VAL B 89 -23.06 -1.76 -0.20
CA VAL B 89 -23.23 -0.53 0.55
C VAL B 89 -22.20 0.45 -0.03
N GLY B 90 -22.68 1.55 -0.61
CA GLY B 90 -21.77 2.52 -1.18
C GLY B 90 -22.46 3.70 -1.85
N PRO B 91 -21.71 4.54 -2.57
CA PRO B 91 -22.29 5.69 -3.25
C PRO B 91 -23.07 5.24 -4.47
N ASP B 92 -24.15 5.95 -4.78
CA ASP B 92 -24.96 5.61 -5.96
C ASP B 92 -24.38 6.47 -7.09
N ASN B 93 -23.13 6.20 -7.43
CA ASN B 93 -22.44 6.95 -8.47
C ASN B 93 -21.96 6.08 -9.63
N GLY B 94 -22.51 4.87 -9.74
CA GLY B 94 -22.11 3.98 -10.81
C GLY B 94 -20.94 3.06 -10.51
N LEU B 95 -20.35 3.19 -9.33
CA LEU B 95 -19.23 2.34 -8.94
C LEU B 95 -19.54 0.85 -9.09
N PHE B 96 -20.73 0.45 -8.68
CA PHE B 96 -21.11 -0.95 -8.75
C PHE B 96 -21.69 -1.39 -10.10
N THR B 97 -21.62 -0.51 -11.10
CA THR B 97 -22.19 -0.82 -12.42
C THR B 97 -21.83 -2.19 -12.99
N LEU B 98 -20.54 -2.51 -13.07
CA LEU B 98 -20.14 -3.81 -13.62
C LEU B 98 -20.44 -4.96 -12.68
N ALA B 99 -20.27 -4.74 -11.38
CA ALA B 99 -20.57 -5.78 -10.40
C ALA B 99 -22.03 -6.22 -10.56
N TRP B 100 -22.91 -5.25 -10.76
CA TRP B 100 -24.33 -5.54 -10.91
C TRP B 100 -24.71 -6.28 -12.20
N LEU B 101 -23.79 -6.34 -13.16
CA LEU B 101 -24.06 -7.08 -14.39
C LEU B 101 -23.92 -8.56 -14.04
N LEU B 102 -23.04 -8.85 -13.09
CA LEU B 102 -22.84 -10.22 -12.64
C LEU B 102 -23.90 -10.58 -11.63
N ASP B 103 -24.36 -9.58 -10.89
CA ASP B 103 -25.36 -9.80 -9.84
C ASP B 103 -26.40 -8.69 -9.79
N PRO B 104 -27.40 -8.74 -10.69
CA PRO B 104 -28.46 -7.74 -10.74
C PRO B 104 -29.17 -7.69 -9.39
N PRO B 105 -29.12 -6.53 -8.72
CA PRO B 105 -29.77 -6.39 -7.41
C PRO B 105 -31.28 -6.67 -7.47
N ARG B 106 -31.81 -7.27 -6.41
CA ARG B 106 -33.23 -7.57 -6.33
C ARG B 106 -33.96 -6.42 -5.62
N ARG B 107 -33.28 -5.81 -4.65
CA ARG B 107 -33.86 -4.70 -3.92
C ARG B 107 -32.78 -3.66 -3.59
N ALA B 108 -33.21 -2.43 -3.35
CA ALA B 108 -32.30 -1.34 -3.03
C ALA B 108 -32.94 -0.44 -1.98
N PHE B 109 -32.08 0.20 -1.18
CA PHE B 109 -32.54 1.08 -0.12
C PHE B 109 -31.69 2.34 -0.02
N LEU B 110 -32.34 3.45 0.33
CA LEU B 110 -31.66 4.72 0.49
C LEU B 110 -31.14 4.76 1.93
N LEU B 111 -29.89 5.19 2.09
CA LEU B 111 -29.30 5.29 3.42
C LEU B 111 -29.48 6.69 3.96
N GLU B 112 -30.28 6.82 5.02
CA GLU B 112 -30.50 8.12 5.64
C GLU B 112 -29.66 8.26 6.91
N GLY B 134 -22.63 12.10 4.87
CA GLY B 134 -21.22 12.13 4.37
C GLY B 134 -20.59 10.74 4.36
N ARG B 135 -19.27 10.71 4.40
CA ARG B 135 -18.53 9.45 4.40
C ARG B 135 -18.89 8.55 5.59
N ASP B 136 -19.38 9.17 6.67
CA ASP B 136 -19.75 8.45 7.89
C ASP B 136 -21.04 7.63 7.80
N VAL B 137 -21.77 7.75 6.69
CA VAL B 137 -23.04 7.04 6.52
C VAL B 137 -22.90 5.56 6.17
N PHE B 138 -21.81 5.21 5.51
CA PHE B 138 -21.57 3.84 5.05
C PHE B 138 -21.30 2.77 6.10
N ALA B 139 -20.29 2.97 6.95
CA ALA B 139 -19.95 1.97 7.97
C ALA B 139 -21.15 1.51 8.80
N PRO B 140 -21.93 2.46 9.34
CA PRO B 140 -23.07 2.04 10.15
C PRO B 140 -24.03 1.12 9.40
N ALA B 141 -24.27 1.42 8.13
CA ALA B 141 -25.16 0.61 7.32
C ALA B 141 -24.59 -0.79 7.11
N ALA B 142 -23.29 -0.84 6.83
CA ALA B 142 -22.62 -2.12 6.63
C ALA B 142 -22.68 -3.00 7.88
N ALA B 143 -22.47 -2.38 9.05
CA ALA B 143 -22.51 -3.12 10.31
C ALA B 143 -23.92 -3.70 10.51
N HIS B 144 -24.91 -2.87 10.29
CA HIS B 144 -26.32 -3.24 10.41
C HIS B 144 -26.63 -4.48 9.58
N LEU B 145 -26.17 -4.47 8.32
CA LEU B 145 -26.42 -5.58 7.42
C LEU B 145 -25.54 -6.79 7.78
N ALA B 146 -24.35 -6.52 8.30
CA ALA B 146 -23.44 -7.59 8.68
C ALA B 146 -24.03 -8.43 9.81
N LEU B 147 -24.76 -7.76 10.69
CA LEU B 147 -25.40 -8.42 11.83
C LEU B 147 -26.67 -9.15 11.41
N GLY B 148 -27.07 -8.94 10.15
CA GLY B 148 -28.26 -9.59 9.65
C GLY B 148 -29.55 -8.88 10.01
N LEU B 149 -29.46 -7.61 10.40
CA LEU B 149 -30.66 -6.86 10.74
C LEU B 149 -31.42 -6.52 9.46
N PRO B 150 -32.75 -6.40 9.54
CA PRO B 150 -33.58 -6.09 8.37
C PRO B 150 -33.16 -4.83 7.61
N PRO B 151 -33.04 -4.93 6.28
CA PRO B 151 -32.65 -3.80 5.44
C PRO B 151 -33.60 -2.62 5.50
N GLU B 152 -34.89 -2.90 5.67
CA GLU B 152 -35.90 -1.84 5.75
C GLU B 152 -35.54 -0.85 6.85
N GLY B 153 -34.67 -1.28 7.77
CA GLY B 153 -34.26 -0.41 8.85
C GLY B 153 -33.21 0.62 8.46
N LEU B 154 -32.62 0.44 7.28
CA LEU B 154 -31.59 1.37 6.80
C LEU B 154 -32.21 2.65 6.25
N GLY B 155 -33.41 2.51 5.68
CA GLY B 155 -34.08 3.66 5.12
C GLY B 155 -35.13 3.25 4.10
N PRO B 156 -35.67 4.20 3.34
CA PRO B 156 -36.69 3.92 2.33
C PRO B 156 -36.20 3.03 1.20
N GLU B 157 -37.05 2.11 0.79
CA GLU B 157 -36.70 1.23 -0.32
C GLU B 157 -36.89 2.03 -1.60
N VAL B 158 -36.01 1.83 -2.57
CA VAL B 158 -36.11 2.51 -3.85
C VAL B 158 -36.00 1.46 -4.94
N PRO B 159 -36.57 1.73 -6.12
CA PRO B 159 -36.52 0.77 -7.22
C PRO B 159 -35.08 0.55 -7.69
N VAL B 160 -34.74 -0.71 -7.96
CA VAL B 160 -33.40 -1.02 -8.44
C VAL B 160 -33.11 -0.35 -9.76
N GLU B 161 -34.16 -0.09 -10.55
CA GLU B 161 -33.98 0.58 -11.83
C GLU B 161 -33.46 2.00 -11.65
N THR B 162 -33.63 2.58 -10.47
CA THR B 162 -33.14 3.93 -10.22
C THR B 162 -31.70 3.97 -9.74
N LEU B 163 -31.07 2.81 -9.59
CA LEU B 163 -29.66 2.79 -9.17
C LEU B 163 -28.85 3.34 -10.33
N ALA B 164 -27.96 4.30 -10.06
CA ALA B 164 -27.16 4.91 -11.11
C ALA B 164 -26.20 3.92 -11.78
N ARG B 165 -26.07 4.02 -13.09
CA ARG B 165 -25.19 3.13 -13.83
C ARG B 165 -24.27 3.91 -14.76
N LEU B 166 -23.02 3.50 -14.86
CA LEU B 166 -22.09 4.16 -15.77
C LEU B 166 -22.52 3.72 -17.17
N PRO B 167 -22.28 4.56 -18.18
CA PRO B 167 -22.66 4.19 -19.55
C PRO B 167 -21.72 3.15 -20.15
N LEU B 168 -21.45 2.09 -19.38
CA LEU B 168 -20.56 1.04 -19.82
C LEU B 168 -21.33 -0.23 -20.15
N ALA B 169 -20.89 -0.92 -21.19
CA ALA B 169 -21.53 -2.15 -21.59
C ALA B 169 -20.48 -3.18 -21.95
N LEU B 170 -20.63 -4.38 -21.41
CA LEU B 170 -19.72 -5.48 -21.71
C LEU B 170 -20.43 -6.23 -22.83
N THR B 171 -19.75 -6.40 -23.96
CA THR B 171 -20.37 -7.06 -25.10
C THR B 171 -19.56 -8.22 -25.65
N GLU B 172 -20.21 -9.06 -26.45
CA GLU B 172 -19.55 -10.18 -27.07
C GLU B 172 -18.94 -9.71 -28.40
N GLY B 173 -19.07 -8.41 -28.68
CA GLY B 173 -18.50 -7.86 -29.89
C GLY B 173 -19.45 -7.70 -31.06
N PRO B 174 -18.92 -7.41 -32.25
CA PRO B 174 -17.49 -7.23 -32.52
C PRO B 174 -16.89 -5.90 -32.05
N GLU B 175 -17.73 -4.92 -31.75
CA GLU B 175 -17.23 -3.62 -31.32
C GLU B 175 -17.26 -3.39 -29.82
N GLY B 176 -16.15 -2.86 -29.31
CA GLY B 176 -16.04 -2.58 -27.89
C GLY B 176 -15.11 -1.39 -27.71
N GLU B 177 -14.57 -1.22 -26.51
CA GLU B 177 -13.67 -0.10 -26.24
C GLU B 177 -12.66 -0.47 -25.17
N VAL B 178 -11.64 0.37 -25.03
CA VAL B 178 -10.62 0.15 -24.01
C VAL B 178 -11.26 0.68 -22.73
N LEU B 179 -11.49 -0.22 -21.77
CA LEU B 179 -12.12 0.16 -20.51
C LEU B 179 -11.13 0.91 -19.63
N THR B 180 -9.99 0.29 -19.35
CA THR B 180 -8.98 0.90 -18.51
C THR B 180 -7.66 0.16 -18.77
N PHE B 181 -6.64 0.46 -17.98
CA PHE B 181 -5.34 -0.21 -18.13
C PHE B 181 -4.87 -0.71 -16.76
N ASP B 182 -3.91 -1.63 -16.77
CA ASP B 182 -3.35 -2.10 -15.50
C ASP B 182 -1.97 -1.46 -15.37
N ARG B 183 -1.29 -1.69 -14.26
CA ARG B 183 0.01 -1.09 -14.02
C ARG B 183 1.07 -1.41 -15.07
N PHE B 184 0.92 -2.54 -15.74
CA PHE B 184 1.88 -2.95 -16.76
C PHE B 184 1.60 -2.34 -18.12
N GLY B 185 0.48 -1.62 -18.23
CA GLY B 185 0.15 -1.01 -19.50
C GLY B 185 -0.75 -1.89 -20.34
N ASN B 186 -1.13 -3.05 -19.82
CA ASN B 186 -2.02 -3.93 -20.56
C ASN B 186 -3.35 -3.20 -20.66
N ALA B 187 -4.03 -3.32 -21.79
CA ALA B 187 -5.33 -2.67 -21.95
C ALA B 187 -6.45 -3.65 -21.68
N ILE B 188 -7.38 -3.26 -20.81
CA ILE B 188 -8.53 -4.09 -20.49
C ILE B 188 -9.69 -3.55 -21.32
N THR B 189 -10.32 -4.43 -22.11
CA THR B 189 -11.42 -4.00 -22.97
C THR B 189 -12.78 -4.45 -22.47
N THR B 190 -13.83 -4.02 -23.15
CA THR B 190 -15.20 -4.36 -22.79
C THR B 190 -15.69 -5.60 -23.54
N LEU B 191 -14.78 -6.27 -24.26
CA LEU B 191 -15.14 -7.46 -25.02
C LEU B 191 -15.11 -8.73 -24.18
N LEU B 192 -16.17 -9.52 -24.26
CA LEU B 192 -16.32 -10.76 -23.51
C LEU B 192 -15.83 -12.02 -24.24
N ARG B 193 -15.37 -11.86 -25.47
CA ARG B 193 -14.89 -13.00 -26.23
C ARG B 193 -13.55 -12.70 -26.89
N ALA B 194 -12.69 -13.71 -26.94
CA ALA B 194 -11.38 -13.59 -27.55
C ALA B 194 -11.19 -14.80 -28.45
N PRO B 195 -11.79 -14.76 -29.65
CA PRO B 195 -11.69 -15.87 -30.61
C PRO B 195 -10.27 -16.30 -30.92
N VAL B 196 -9.93 -17.51 -30.51
CA VAL B 196 -8.59 -18.05 -30.75
C VAL B 196 -8.34 -18.07 -32.26
N GLY B 197 -7.14 -17.65 -32.66
CA GLY B 197 -6.81 -17.63 -34.07
C GLY B 197 -7.39 -16.40 -34.76
N GLY B 198 -8.09 -15.58 -33.99
CA GLY B 198 -8.69 -14.38 -34.53
C GLY B 198 -7.79 -13.17 -34.36
N PHE B 199 -8.25 -12.01 -34.84
CA PHE B 199 -7.48 -10.78 -34.74
C PHE B 199 -8.35 -9.66 -34.17
N VAL B 200 -7.73 -8.73 -33.48
CA VAL B 200 -8.45 -7.60 -32.92
C VAL B 200 -7.75 -6.31 -33.34
N GLU B 201 -8.53 -5.29 -33.64
CA GLU B 201 -7.98 -4.01 -34.07
C GLU B 201 -8.08 -2.96 -32.98
N VAL B 202 -6.95 -2.33 -32.67
CA VAL B 202 -6.92 -1.30 -31.64
C VAL B 202 -5.70 -0.42 -31.89
N GLY B 203 -5.88 0.89 -31.70
CA GLY B 203 -4.78 1.81 -31.92
C GLY B 203 -4.33 1.79 -33.37
N GLY B 204 -5.18 1.26 -34.25
CA GLY B 204 -4.83 1.19 -35.66
C GLY B 204 -3.90 0.01 -35.93
N ARG B 205 -3.71 -0.82 -34.92
CA ARG B 205 -2.85 -1.99 -35.03
C ARG B 205 -3.70 -3.24 -35.02
N ARG B 206 -3.30 -4.23 -35.82
CA ARG B 206 -4.02 -5.49 -35.88
C ARG B 206 -3.26 -6.46 -34.98
N VAL B 207 -3.91 -6.85 -33.88
CA VAL B 207 -3.31 -7.73 -32.89
C VAL B 207 -3.86 -9.15 -32.91
N PRO B 208 -2.98 -10.15 -32.93
CA PRO B 208 -3.44 -11.54 -32.93
C PRO B 208 -3.99 -11.98 -31.57
N VAL B 209 -5.07 -12.74 -31.59
CA VAL B 209 -5.66 -13.26 -30.36
C VAL B 209 -5.11 -14.66 -30.10
N ARG B 210 -4.32 -14.79 -29.04
CA ARG B 210 -3.73 -16.06 -28.66
C ARG B 210 -3.95 -16.37 -27.18
N ARG B 211 -3.01 -17.10 -26.59
CA ARG B 211 -3.08 -17.44 -25.17
C ARG B 211 -1.69 -17.37 -24.59
N THR B 212 -0.73 -17.94 -25.32
CA THR B 212 0.66 -17.96 -24.88
C THR B 212 1.41 -16.78 -25.49
N PHE B 213 2.15 -16.06 -24.66
CA PHE B 213 2.91 -14.91 -25.13
C PHE B 213 4.08 -15.34 -26.01
N GLU B 218 10.99 -9.84 -28.21
CA GLU B 218 9.55 -9.94 -28.59
C GLU B 218 8.75 -8.80 -27.98
N GLY B 219 8.76 -7.65 -28.65
CA GLY B 219 8.00 -6.50 -28.16
C GLY B 219 6.75 -6.29 -28.97
N ALA B 220 6.14 -7.39 -29.43
CA ALA B 220 4.92 -7.33 -30.24
C ALA B 220 3.69 -7.48 -29.37
N PRO B 221 2.54 -6.96 -29.85
CA PRO B 221 1.27 -7.03 -29.11
C PRO B 221 0.55 -8.36 -29.27
N VAL B 222 -0.30 -8.68 -28.31
CA VAL B 222 -1.07 -9.91 -28.34
C VAL B 222 -2.36 -9.70 -27.53
N ALA B 223 -3.43 -10.35 -27.96
CA ALA B 223 -4.72 -10.23 -27.26
C ALA B 223 -5.12 -11.59 -26.72
N TYR B 224 -5.81 -11.60 -25.58
CA TYR B 224 -6.22 -12.84 -24.96
C TYR B 224 -7.34 -12.57 -23.96
N LEU B 225 -8.09 -13.61 -23.59
CA LEU B 225 -9.16 -13.43 -22.61
C LEU B 225 -8.47 -13.37 -21.25
N GLY B 226 -8.54 -12.19 -20.61
CA GLY B 226 -7.90 -12.01 -19.32
C GLY B 226 -8.58 -12.63 -18.11
N SER B 227 -7.95 -12.45 -16.96
CA SER B 227 -8.43 -12.99 -15.69
C SER B 227 -9.88 -12.68 -15.31
N ALA B 228 -10.40 -11.56 -15.79
CA ALA B 228 -11.77 -11.15 -15.46
C ALA B 228 -12.80 -11.59 -16.48
N GLY B 229 -12.34 -12.29 -17.52
CA GLY B 229 -13.26 -12.73 -18.55
C GLY B 229 -13.42 -11.66 -19.61
N LEU B 230 -12.51 -10.69 -19.61
CA LEU B 230 -12.54 -9.60 -20.59
C LEU B 230 -11.29 -9.67 -21.46
N LEU B 231 -11.45 -9.35 -22.74
CA LEU B 231 -10.30 -9.38 -23.64
C LEU B 231 -9.30 -8.31 -23.21
N GLU B 232 -8.03 -8.68 -23.11
CA GLU B 232 -6.97 -7.76 -22.74
C GLU B 232 -5.94 -7.70 -23.86
N VAL B 233 -5.26 -6.57 -24.00
CA VAL B 233 -4.23 -6.43 -25.02
C VAL B 233 -2.92 -6.08 -24.32
N ALA B 234 -1.89 -6.87 -24.61
CA ALA B 234 -0.59 -6.66 -24.00
C ALA B 234 0.52 -6.67 -25.04
N VAL B 235 1.69 -6.20 -24.63
CA VAL B 235 2.87 -6.20 -25.46
C VAL B 235 3.83 -7.10 -24.70
N ASN B 236 4.33 -8.13 -25.38
CA ASN B 236 5.26 -9.08 -24.75
C ASN B 236 6.44 -8.37 -24.10
N ARG B 237 6.49 -8.41 -22.76
CA ARG B 237 7.58 -7.77 -22.01
C ARG B 237 7.54 -6.26 -22.09
N GLY B 238 6.38 -5.70 -22.43
CA GLY B 238 6.28 -4.25 -22.52
C GLY B 238 4.94 -3.68 -22.10
N SER B 239 4.71 -2.43 -22.49
CA SER B 239 3.46 -1.75 -22.17
C SER B 239 2.67 -1.48 -23.44
N ALA B 240 1.50 -2.09 -23.57
CA ALA B 240 0.69 -1.87 -24.76
C ALA B 240 0.27 -0.41 -24.77
N ARG B 241 -0.08 0.11 -23.61
CA ARG B 241 -0.51 1.50 -23.47
C ARG B 241 0.51 2.47 -24.10
N GLU B 242 1.76 2.32 -23.71
CA GLU B 242 2.84 3.18 -24.20
C GLU B 242 3.36 2.80 -25.59
N ALA B 243 3.53 1.51 -25.83
CA ALA B 243 4.04 1.03 -27.12
C ALA B 243 3.08 1.30 -28.27
N LEU B 244 1.78 1.17 -28.02
CA LEU B 244 0.78 1.40 -29.05
C LEU B 244 0.11 2.76 -28.92
N GLY B 245 0.52 3.53 -27.92
CA GLY B 245 -0.04 4.84 -27.70
C GLY B 245 -1.55 4.77 -27.52
N LEU B 246 -2.00 3.83 -26.70
CA LEU B 246 -3.42 3.62 -26.46
C LEU B 246 -4.00 4.61 -25.47
N LYS B 247 -5.31 4.85 -25.61
CA LYS B 247 -6.01 5.79 -24.74
C LYS B 247 -7.33 5.19 -24.26
N GLU B 248 -7.68 5.46 -23.02
CA GLU B 248 -8.92 4.97 -22.43
C GLU B 248 -10.08 5.45 -23.32
N GLY B 249 -11.04 4.58 -23.60
CA GLY B 249 -12.16 5.00 -24.42
C GLY B 249 -12.01 4.71 -25.91
N MSE B 250 -10.81 4.31 -26.32
CA MSE B 250 -10.53 3.99 -27.73
C MSE B 250 -11.35 2.79 -28.20
O MSE B 250 -11.70 1.91 -27.42
CB MSE B 250 -9.06 3.65 -27.91
CG MSE B 250 -8.20 4.73 -28.51
SE MSE B 250 -6.43 4.01 -28.82
CE MSE B 250 -5.46 5.66 -28.81
N PRO B 251 -11.65 2.73 -29.51
CA PRO B 251 -12.43 1.61 -30.02
C PRO B 251 -11.56 0.35 -30.18
N VAL B 252 -12.18 -0.81 -29.97
CA VAL B 252 -11.51 -2.09 -30.13
C VAL B 252 -12.46 -2.91 -30.99
N ARG B 253 -11.96 -3.51 -32.06
CA ARG B 253 -12.83 -4.29 -32.94
C ARG B 253 -12.32 -5.68 -33.23
N LEU B 254 -13.18 -6.67 -33.01
CA LEU B 254 -12.83 -8.04 -33.29
C LEU B 254 -13.01 -8.19 -34.79
N LEU B 255 -11.98 -8.67 -35.48
CA LEU B 255 -12.06 -8.84 -36.92
C LEU B 255 -12.52 -10.26 -37.28
N MSE C 1 -4.54 -6.84 25.72
CA MSE C 1 -3.54 -5.85 25.23
C MSE C 1 -4.18 -4.60 24.63
O MSE C 1 -5.40 -4.50 24.49
CB MSE C 1 -2.66 -6.46 24.14
CG MSE C 1 -1.71 -7.53 24.61
SE MSE C 1 -0.54 -7.94 23.14
CE MSE C 1 -1.58 -9.34 22.31
N ARG C 2 -3.33 -3.64 24.29
CA ARG C 2 -3.76 -2.39 23.69
C ARG C 2 -3.45 -2.45 22.20
N PRO C 3 -4.39 -1.97 21.36
CA PRO C 3 -4.14 -2.00 19.93
C PRO C 3 -3.03 -1.03 19.53
N VAL C 4 -2.39 -1.32 18.41
CA VAL C 4 -1.31 -0.48 17.90
C VAL C 4 -1.72 0.14 16.56
N TYR C 5 -1.72 1.47 16.51
CA TYR C 5 -2.05 2.19 15.29
C TYR C 5 -0.73 2.67 14.73
N PHE C 6 -0.52 2.38 13.45
CA PHE C 6 0.74 2.66 12.76
C PHE C 6 0.69 3.65 11.60
N LEU C 7 1.53 4.68 11.69
CA LEU C 7 1.63 5.68 10.63
C LEU C 7 3.10 5.85 10.26
N SER C 8 3.39 6.04 8.98
CA SER C 8 4.77 6.24 8.57
C SER C 8 4.81 6.88 7.19
N ASP C 9 6.02 7.18 6.74
CA ASP C 9 6.22 7.73 5.40
C ASP C 9 7.08 6.71 4.65
N PHE C 10 7.02 5.45 5.08
CA PHE C 10 7.80 4.38 4.46
C PHE C 10 7.46 4.08 3.00
N GLY C 11 6.24 4.43 2.58
CA GLY C 11 5.86 4.18 1.21
C GLY C 11 5.36 2.78 0.92
N LEU C 12 5.04 2.53 -0.35
CA LEU C 12 4.49 1.25 -0.79
C LEU C 12 5.44 0.40 -1.63
N GLU C 13 6.67 0.88 -1.81
CA GLU C 13 7.65 0.15 -2.63
C GLU C 13 8.56 -0.79 -1.84
N ASP C 14 8.72 -0.52 -0.56
CA ASP C 14 9.60 -1.31 0.30
C ASP C 14 8.80 -2.12 1.31
N PRO C 15 9.44 -3.13 1.92
CA PRO C 15 8.77 -3.97 2.91
C PRO C 15 8.95 -3.43 4.34
N TYR C 16 9.32 -2.16 4.48
CA TYR C 16 9.54 -1.59 5.82
C TYR C 16 8.32 -1.66 6.74
N VAL C 17 7.15 -1.32 6.23
CA VAL C 17 5.95 -1.38 7.06
C VAL C 17 5.73 -2.80 7.57
N ALA C 18 5.87 -3.78 6.67
CA ALA C 18 5.68 -5.18 7.02
C ALA C 18 6.69 -5.67 8.05
N VAL C 19 7.94 -5.22 7.95
CA VAL C 19 8.97 -5.64 8.89
C VAL C 19 8.63 -5.15 10.30
N VAL C 20 8.14 -3.92 10.41
CA VAL C 20 7.75 -3.38 11.70
C VAL C 20 6.60 -4.21 12.27
N LYS C 21 5.64 -4.55 11.41
CA LYS C 21 4.51 -5.37 11.85
C LYS C 21 5.00 -6.75 12.28
N ALA C 22 6.03 -7.25 11.60
CA ALA C 22 6.59 -8.56 11.94
C ALA C 22 7.25 -8.51 13.31
N VAL C 23 8.02 -7.46 13.58
CA VAL C 23 8.67 -7.33 14.87
C VAL C 23 7.60 -7.19 15.96
N LEU C 24 6.56 -6.42 15.67
CA LEU C 24 5.48 -6.23 16.64
C LEU C 24 4.81 -7.55 16.98
N ALA C 25 4.71 -8.45 16.00
CA ALA C 25 4.09 -9.74 16.21
C ALA C 25 5.06 -10.71 16.89
N GLU C 26 6.31 -10.26 17.04
CA GLU C 26 7.38 -11.03 17.67
C GLU C 26 6.96 -12.36 18.30
N VAL C 33 -2.62 -4.81 14.71
CA VAL C 33 -1.99 -3.53 14.21
C VAL C 33 -2.85 -2.92 13.13
N VAL C 34 -3.32 -1.70 13.37
CA VAL C 34 -4.15 -1.01 12.41
C VAL C 34 -3.37 0.14 11.76
N ASP C 35 -3.27 0.10 10.44
CA ASP C 35 -2.55 1.15 9.73
C ASP C 35 -3.39 2.43 9.67
N LEU C 36 -2.70 3.55 9.80
CA LEU C 36 -3.34 4.86 9.69
C LEU C 36 -3.02 5.33 8.29
N ALA C 37 -1.73 5.43 7.98
CA ALA C 37 -1.27 5.87 6.66
C ALA C 37 0.22 5.55 6.50
N HIS C 38 0.63 5.20 5.28
CA HIS C 38 2.02 4.87 5.00
C HIS C 38 2.54 5.47 3.70
N ALA C 39 1.62 5.93 2.85
CA ALA C 39 2.00 6.52 1.58
C ALA C 39 2.09 8.05 1.69
N LEU C 40 2.57 8.55 2.82
CA LEU C 40 2.70 9.99 3.05
C LEU C 40 4.00 10.50 2.44
N PRO C 41 4.03 11.77 2.01
CA PRO C 41 5.26 12.31 1.42
C PRO C 41 6.42 12.15 2.39
N PRO C 42 7.56 11.63 1.90
CA PRO C 42 8.73 11.44 2.77
C PRO C 42 9.14 12.70 3.52
N GLN C 43 9.44 12.54 4.81
CA GLN C 43 9.86 13.64 5.68
C GLN C 43 8.85 14.77 5.88
N ASP C 44 7.66 14.65 5.29
CA ASP C 44 6.65 15.70 5.43
C ASP C 44 5.97 15.62 6.80
N LEU C 45 6.53 16.32 7.78
CA LEU C 45 6.01 16.31 9.15
C LEU C 45 4.64 16.97 9.33
N ARG C 46 4.38 18.05 8.59
CA ARG C 46 3.11 18.74 8.73
C ARG C 46 1.96 17.87 8.23
N ARG C 47 2.19 17.15 7.14
CA ARG C 47 1.19 16.27 6.56
C ARG C 47 0.91 15.15 7.56
N ALA C 48 1.98 14.61 8.12
CA ALA C 48 1.87 13.52 9.08
C ALA C 48 1.23 13.98 10.37
N ALA C 49 1.58 15.18 10.83
CA ALA C 49 1.00 15.72 12.06
C ALA C 49 -0.52 15.84 11.90
N TYR C 50 -0.93 16.31 10.73
CA TYR C 50 -2.36 16.48 10.49
C TYR C 50 -3.09 15.14 10.44
N ALA C 51 -2.49 14.14 9.78
CA ALA C 51 -3.10 12.82 9.68
C ALA C 51 -3.39 12.25 11.08
N LEU C 52 -2.46 12.43 12.01
CA LEU C 52 -2.65 11.93 13.36
C LEU C 52 -3.79 12.70 14.04
N PHE C 53 -3.80 14.01 13.85
CA PHE C 53 -4.84 14.89 14.40
C PHE C 53 -6.22 14.44 13.94
N GLU C 54 -6.29 14.10 12.64
CA GLU C 54 -7.52 13.66 12.00
C GLU C 54 -8.12 12.38 12.57
N ALA C 55 -7.27 11.40 12.89
CA ALA C 55 -7.76 10.12 13.38
C ALA C 55 -7.78 9.88 14.89
N LEU C 56 -6.90 10.56 15.61
CA LEU C 56 -6.80 10.35 17.06
C LEU C 56 -8.08 10.27 17.88
N PRO C 57 -8.99 11.25 17.74
CA PRO C 57 -10.24 11.21 18.52
C PRO C 57 -11.12 9.97 18.37
N TYR C 58 -10.96 9.26 17.26
CA TYR C 58 -11.77 8.06 17.00
C TYR C 58 -11.11 6.77 17.44
N LEU C 59 -9.88 6.86 17.95
CA LEU C 59 -9.16 5.66 18.38
C LEU C 59 -9.39 5.32 19.85
N PRO C 60 -9.42 4.02 20.16
CA PRO C 60 -9.63 3.52 21.52
C PRO C 60 -8.67 4.17 22.51
N GLU C 61 -9.18 4.50 23.69
CA GLU C 61 -8.39 5.11 24.74
C GLU C 61 -7.22 4.18 25.07
N GLY C 62 -6.05 4.75 25.35
CA GLY C 62 -4.91 3.93 25.68
C GLY C 62 -4.26 3.21 24.51
N ALA C 63 -4.73 3.46 23.30
CA ALA C 63 -4.13 2.82 22.13
C ALA C 63 -2.70 3.34 21.99
N VAL C 64 -1.83 2.52 21.38
CA VAL C 64 -0.44 2.91 21.16
C VAL C 64 -0.33 3.45 19.73
N VAL C 65 0.01 4.72 19.62
CA VAL C 65 0.16 5.36 18.31
C VAL C 65 1.62 5.38 17.92
N LEU C 66 1.98 4.48 17.01
CA LEU C 66 3.34 4.36 16.51
C LEU C 66 3.41 5.17 15.21
N ALA C 67 4.23 6.21 15.20
CA ALA C 67 4.35 7.05 14.02
C ALA C 67 5.82 7.30 13.71
N VAL C 68 6.25 6.84 12.53
CA VAL C 68 7.65 7.01 12.15
C VAL C 68 7.80 7.84 10.87
N VAL C 69 8.25 9.08 11.04
CA VAL C 69 8.47 10.02 9.94
C VAL C 69 9.62 10.94 10.35
N ASP C 70 10.67 11.03 9.54
CA ASP C 70 11.80 11.89 9.87
C ASP C 70 12.21 12.77 8.70
N ARG C 78 16.12 12.22 18.58
CA ARG C 78 15.78 11.50 19.84
C ARG C 78 14.50 10.67 19.66
N ALA C 79 14.55 9.41 20.08
CA ALA C 79 13.40 8.51 19.99
C ALA C 79 12.67 8.50 21.34
N VAL C 80 11.38 8.79 21.32
CA VAL C 80 10.63 8.84 22.57
C VAL C 80 9.27 8.16 22.58
N ALA C 81 8.74 8.04 23.79
CA ALA C 81 7.42 7.49 24.03
C ALA C 81 6.82 8.56 24.95
N ALA C 82 5.61 9.03 24.64
CA ALA C 82 4.93 10.03 25.45
C ALA C 82 3.59 9.46 25.85
N LEU C 83 3.22 9.63 27.12
CA LEU C 83 1.98 9.06 27.64
C LEU C 83 0.91 10.07 28.03
N GLY C 84 -0.29 9.88 27.47
CA GLY C 84 -1.43 10.73 27.76
C GLY C 84 -2.62 9.79 27.77
N ARG C 85 -3.77 10.25 27.31
CA ARG C 85 -4.95 9.39 27.24
C ARG C 85 -4.61 8.29 26.23
N TRP C 86 -3.77 8.65 25.27
CA TRP C 86 -3.30 7.71 24.25
C TRP C 86 -1.79 7.68 24.46
N THR C 87 -1.13 6.66 23.91
CA THR C 87 0.31 6.54 24.05
C THR C 87 0.94 6.78 22.70
N TYR C 88 2.05 7.51 22.69
CA TYR C 88 2.73 7.85 21.44
C TYR C 88 4.15 7.33 21.40
N VAL C 89 4.54 6.79 20.25
CA VAL C 89 5.88 6.26 20.06
C VAL C 89 6.39 6.74 18.71
N GLY C 90 7.48 7.50 18.74
CA GLY C 90 8.03 8.00 17.52
C GLY C 90 9.13 9.01 17.78
N PRO C 91 9.65 9.66 16.73
CA PRO C 91 10.71 10.66 16.84
C PRO C 91 10.26 11.94 17.52
N ASP C 92 11.16 12.51 18.32
CA ASP C 92 10.89 13.75 19.03
C ASP C 92 11.23 14.91 18.10
N ASN C 93 10.42 15.06 17.06
CA ASN C 93 10.63 16.11 16.07
C ASN C 93 9.38 16.94 15.80
N GLY C 94 8.41 16.86 16.70
CA GLY C 94 7.20 17.65 16.53
C GLY C 94 6.09 16.96 15.76
N LEU C 95 6.35 15.74 15.30
CA LEU C 95 5.37 14.96 14.57
C LEU C 95 4.02 14.89 15.30
N PHE C 96 4.07 14.75 16.61
CA PHE C 96 2.86 14.63 17.44
C PHE C 96 2.25 15.96 17.93
N THR C 97 2.73 17.09 17.44
CA THR C 97 2.26 18.41 17.88
C THR C 97 0.75 18.61 17.94
N LEU C 98 0.06 18.32 16.85
CA LEU C 98 -1.39 18.48 16.80
C LEU C 98 -2.11 17.46 17.67
N ALA C 99 -1.64 16.21 17.64
CA ALA C 99 -2.24 15.17 18.47
C ALA C 99 -2.21 15.63 19.92
N TRP C 100 -1.09 16.23 20.30
CA TRP C 100 -0.90 16.69 21.67
C TRP C 100 -1.80 17.85 22.07
N LEU C 101 -2.44 18.51 21.11
CA LEU C 101 -3.37 19.59 21.43
C LEU C 101 -4.65 18.92 21.92
N LEU C 102 -4.88 17.71 21.45
CA LEU C 102 -6.07 16.95 21.84
C LEU C 102 -5.77 16.14 23.11
N ASP C 103 -4.49 15.79 23.28
CA ASP C 103 -4.06 14.97 24.41
C ASP C 103 -2.60 15.26 24.80
N PRO C 104 -2.38 16.29 25.63
CA PRO C 104 -1.05 16.69 26.10
C PRO C 104 -0.46 15.59 26.96
N PRO C 105 0.72 15.07 26.60
CA PRO C 105 1.33 14.00 27.39
C PRO C 105 1.70 14.43 28.81
N ARG C 106 1.63 13.47 29.73
CA ARG C 106 1.95 13.72 31.13
C ARG C 106 3.38 13.25 31.41
N ARG C 107 3.80 12.20 30.70
CA ARG C 107 5.15 11.65 30.87
C ARG C 107 5.77 11.28 29.53
N ALA C 108 7.10 11.34 29.46
CA ALA C 108 7.83 11.00 28.24
C ALA C 108 9.05 10.18 28.63
N PHE C 109 9.50 9.30 27.73
CA PHE C 109 10.64 8.44 27.99
C PHE C 109 11.55 8.28 26.78
N LEU C 110 12.85 8.17 27.02
CA LEU C 110 13.82 7.95 25.95
C LEU C 110 13.73 6.47 25.61
N LEU C 111 13.75 6.14 24.32
CA LEU C 111 13.65 4.74 23.93
C LEU C 111 15.01 4.07 23.78
N GLU C 112 15.25 3.06 24.61
CA GLU C 112 16.50 2.29 24.58
C GLU C 112 16.19 0.79 24.75
N PRO C 113 15.17 0.28 24.04
CA PRO C 113 14.79 -1.13 24.15
C PRO C 113 15.82 -2.06 23.50
N PRO C 114 15.75 -3.36 23.82
CA PRO C 114 16.70 -4.29 23.22
C PRO C 114 16.38 -4.44 21.73
N ARG C 115 17.41 -4.40 20.89
CA ARG C 115 17.21 -4.52 19.45
C ARG C 115 16.70 -5.92 19.09
N PRO C 116 15.74 -6.00 18.15
CA PRO C 116 15.20 -7.30 17.74
C PRO C 116 16.30 -8.15 17.09
N ARG C 117 16.22 -9.46 17.30
CA ARG C 117 17.23 -10.38 16.76
C ARG C 117 16.83 -11.04 15.43
N PRO C 118 17.65 -10.85 14.39
CA PRO C 118 17.34 -11.47 13.09
C PRO C 118 17.38 -12.99 13.21
N LYS C 119 16.38 -13.66 12.65
CA LYS C 119 16.28 -15.11 12.73
C LYS C 119 17.25 -15.86 11.82
N ALA C 120 17.56 -15.27 10.68
CA ALA C 120 18.50 -15.87 9.74
C ALA C 120 19.69 -14.92 9.65
N ALA C 121 20.86 -15.47 9.36
CA ALA C 121 22.04 -14.64 9.25
C ALA C 121 23.22 -15.38 8.61
N LEU C 122 23.80 -14.78 7.58
CA LEU C 122 24.93 -15.37 6.90
C LEU C 122 26.14 -15.30 7.85
N PRO C 123 27.17 -16.12 7.60
CA PRO C 123 28.36 -16.12 8.46
C PRO C 123 28.93 -14.73 8.74
N GLY C 124 28.96 -14.36 10.03
CA GLY C 124 29.48 -13.07 10.43
C GLY C 124 28.67 -11.89 9.95
N TRP C 125 27.44 -12.16 9.53
CA TRP C 125 26.53 -11.12 9.03
C TRP C 125 25.84 -10.35 10.13
N ALA C 126 25.64 -9.06 9.89
CA ALA C 126 24.96 -8.18 10.85
C ALA C 126 24.50 -6.92 10.12
N PRO C 127 23.25 -6.49 10.40
CA PRO C 127 22.73 -5.28 9.74
C PRO C 127 23.46 -4.03 10.20
N GLY C 128 23.42 -2.98 9.37
CA GLY C 128 24.07 -1.74 9.73
C GLY C 128 23.48 -1.15 10.99
N GLU C 129 24.28 -0.35 11.70
CA GLU C 129 23.83 0.28 12.92
C GLU C 129 23.09 1.59 12.67
N ALA C 130 21.97 1.77 13.38
CA ALA C 130 21.16 2.97 13.24
C ALA C 130 20.78 3.25 11.80
N THR C 131 20.26 2.24 11.11
CA THR C 131 19.87 2.38 9.71
C THR C 131 18.37 2.14 9.49
N PHE C 132 17.67 1.72 10.55
CA PHE C 132 16.24 1.44 10.46
C PHE C 132 15.64 1.53 11.87
N HIS C 133 15.51 2.74 12.39
CA HIS C 133 14.97 2.93 13.73
C HIS C 133 13.57 2.36 13.94
N GLY C 134 12.74 2.39 12.91
CA GLY C 134 11.39 1.86 13.05
C GLY C 134 11.41 0.41 13.48
N ARG C 135 12.34 -0.34 12.89
CA ARG C 135 12.51 -1.76 13.17
C ARG C 135 13.24 -2.04 14.48
N ASP C 136 14.38 -1.39 14.67
CA ASP C 136 15.21 -1.65 15.83
C ASP C 136 14.95 -0.89 17.13
N VAL C 137 14.22 0.23 17.05
CA VAL C 137 13.92 1.03 18.24
C VAL C 137 12.43 1.24 18.52
N PHE C 138 11.72 1.80 17.55
CA PHE C 138 10.29 2.07 17.74
C PHE C 138 9.38 0.83 17.85
N ALA C 139 9.57 -0.16 16.98
CA ALA C 139 8.74 -1.36 17.01
C ALA C 139 8.82 -2.10 18.36
N PRO C 140 10.04 -2.34 18.86
CA PRO C 140 10.13 -3.04 20.15
C PRO C 140 9.50 -2.24 21.29
N ALA C 141 9.58 -0.92 21.18
CA ALA C 141 9.01 -0.04 22.20
C ALA C 141 7.49 -0.14 22.16
N ALA C 142 6.93 -0.10 20.96
CA ALA C 142 5.49 -0.20 20.77
C ALA C 142 4.95 -1.53 21.27
N ALA C 143 5.67 -2.61 20.98
CA ALA C 143 5.24 -3.94 21.43
C ALA C 143 5.22 -3.97 22.95
N HIS C 144 6.29 -3.43 23.54
CA HIS C 144 6.43 -3.38 25.00
C HIS C 144 5.21 -2.71 25.61
N LEU C 145 4.85 -1.53 25.10
CA LEU C 145 3.69 -0.79 25.59
C LEU C 145 2.37 -1.49 25.27
N ALA C 146 2.29 -2.09 24.09
CA ALA C 146 1.08 -2.80 23.67
C ALA C 146 0.80 -3.97 24.62
N LEU C 147 1.85 -4.58 25.15
CA LEU C 147 1.71 -5.70 26.07
C LEU C 147 1.22 -5.21 27.42
N GLY C 148 1.43 -3.93 27.70
CA GLY C 148 1.01 -3.36 28.97
C GLY C 148 2.14 -3.21 29.96
N LEU C 149 3.36 -3.45 29.50
CA LEU C 149 4.54 -3.32 30.36
C LEU C 149 4.81 -1.84 30.67
N PRO C 150 5.35 -1.56 31.87
CA PRO C 150 5.65 -0.19 32.34
C PRO C 150 6.54 0.63 31.40
N PRO C 151 6.18 1.90 31.20
CA PRO C 151 6.96 2.79 30.32
C PRO C 151 8.40 2.98 30.76
N GLU C 152 8.63 3.04 32.07
CA GLU C 152 9.99 3.22 32.59
C GLU C 152 10.89 2.08 32.15
N GLY C 153 10.30 0.99 31.67
CA GLY C 153 11.08 -0.13 31.21
C GLY C 153 11.67 0.12 29.82
N LEU C 154 11.28 1.24 29.20
CA LEU C 154 11.75 1.59 27.87
C LEU C 154 13.09 2.31 27.87
N GLY C 155 13.29 3.19 28.85
CA GLY C 155 14.52 3.94 28.95
C GLY C 155 14.37 5.03 29.99
N PRO C 156 15.31 5.97 30.09
CA PRO C 156 15.21 7.05 31.08
C PRO C 156 14.05 8.01 30.83
N GLU C 157 13.40 8.44 31.91
CA GLU C 157 12.29 9.38 31.79
C GLU C 157 12.81 10.79 31.60
N VAL C 158 12.13 11.55 30.75
CA VAL C 158 12.50 12.93 30.49
C VAL C 158 11.29 13.84 30.67
N PRO C 159 11.52 15.13 30.98
CA PRO C 159 10.46 16.11 31.19
C PRO C 159 9.66 16.34 29.91
N VAL C 160 8.33 16.30 30.01
CA VAL C 160 7.50 16.52 28.83
C VAL C 160 7.75 17.89 28.24
N GLU C 161 8.19 18.84 29.07
CA GLU C 161 8.46 20.17 28.57
C GLU C 161 9.62 20.19 27.58
N THR C 162 10.43 19.13 27.59
CA THR C 162 11.57 19.06 26.69
C THR C 162 11.17 18.50 25.31
N LEU C 163 9.95 17.99 25.19
CA LEU C 163 9.48 17.44 23.92
C LEU C 163 9.40 18.54 22.85
N ALA C 164 9.74 18.19 21.62
CA ALA C 164 9.70 19.15 20.52
C ALA C 164 8.30 19.34 19.95
N ARG C 165 8.03 20.54 19.47
CA ARG C 165 6.73 20.85 18.88
C ARG C 165 6.96 21.74 17.66
N LEU C 166 6.12 21.57 16.66
CA LEU C 166 6.23 22.39 15.45
C LEU C 166 5.47 23.68 15.74
N PRO C 167 5.82 24.77 15.04
CA PRO C 167 5.17 26.07 15.22
C PRO C 167 3.80 26.14 14.53
N LEU C 168 2.88 25.29 14.96
CA LEU C 168 1.54 25.24 14.38
C LEU C 168 0.50 25.70 15.38
N ALA C 169 -0.23 26.75 15.03
CA ALA C 169 -1.25 27.27 15.93
C ALA C 169 -2.60 27.32 15.24
N LEU C 170 -3.58 26.61 15.79
CA LEU C 170 -4.92 26.65 15.22
C LEU C 170 -5.54 27.91 15.79
N THR C 171 -6.35 28.59 15.00
CA THR C 171 -6.94 29.84 15.48
C THR C 171 -8.23 30.23 14.79
N GLU C 172 -9.04 31.02 15.50
CA GLU C 172 -10.30 31.48 14.93
C GLU C 172 -9.99 32.49 13.83
N GLY C 173 -8.77 33.02 13.86
CA GLY C 173 -8.37 33.98 12.84
C GLY C 173 -8.36 35.42 13.28
N PRO C 174 -8.53 36.37 12.34
CA PRO C 174 -8.72 36.10 10.91
C PRO C 174 -7.49 35.61 10.15
N GLU C 175 -6.31 35.71 10.76
CA GLU C 175 -5.07 35.28 10.11
C GLU C 175 -4.63 33.87 10.49
N GLY C 176 -4.40 33.04 9.48
CA GLY C 176 -3.96 31.67 9.70
C GLY C 176 -2.95 31.36 8.61
N GLU C 177 -2.66 30.08 8.38
CA GLU C 177 -1.71 29.73 7.33
C GLU C 177 -2.06 28.38 6.74
N VAL C 178 -1.48 28.05 5.59
CA VAL C 178 -1.73 26.76 4.99
C VAL C 178 -0.91 25.76 5.81
N LEU C 179 -1.58 24.78 6.40
CA LEU C 179 -0.92 23.77 7.22
C LEU C 179 -0.26 22.71 6.37
N THR C 180 -1.02 22.14 5.45
CA THR C 180 -0.53 21.08 4.58
C THR C 180 -1.58 20.87 3.48
N PHE C 181 -1.41 19.83 2.67
CA PHE C 181 -2.36 19.52 1.59
C PHE C 181 -2.77 18.04 1.69
N ASP C 182 -3.94 17.68 1.17
CA ASP C 182 -4.31 16.27 1.22
C ASP C 182 -3.90 15.63 -0.10
N ARG C 183 -4.21 14.35 -0.28
CA ARG C 183 -3.82 13.65 -1.49
C ARG C 183 -4.42 14.17 -2.78
N PHE C 184 -5.46 15.00 -2.68
CA PHE C 184 -6.11 15.56 -3.87
C PHE C 184 -5.63 16.98 -4.15
N GLY C 185 -4.73 17.48 -3.31
CA GLY C 185 -4.23 18.82 -3.51
C GLY C 185 -5.04 19.86 -2.76
N ASN C 186 -5.98 19.42 -1.95
CA ASN C 186 -6.79 20.35 -1.16
C ASN C 186 -5.86 20.94 -0.12
N ALA C 187 -6.01 22.22 0.17
CA ALA C 187 -5.16 22.87 1.16
C ALA C 187 -5.85 22.89 2.52
N ILE C 188 -5.15 22.41 3.54
CA ILE C 188 -5.66 22.40 4.90
C ILE C 188 -5.06 23.62 5.58
N THR C 189 -5.89 24.45 6.21
CA THR C 189 -5.38 25.64 6.87
C THR C 189 -5.49 25.49 8.38
N THR C 190 -4.94 26.46 9.10
CA THR C 190 -4.95 26.45 10.55
C THR C 190 -6.17 27.18 11.12
N LEU C 191 -7.05 27.65 10.23
CA LEU C 191 -8.25 28.38 10.65
C LEU C 191 -9.33 27.44 11.19
N LEU C 192 -9.92 27.82 12.32
CA LEU C 192 -10.98 27.01 12.95
C LEU C 192 -12.39 27.41 12.53
N ARG C 193 -12.53 28.52 11.84
CA ARG C 193 -13.86 28.91 11.42
C ARG C 193 -13.93 29.25 9.93
N ALA C 194 -15.09 29.02 9.34
CA ALA C 194 -15.32 29.29 7.93
C ALA C 194 -16.69 29.96 7.83
N PRO C 195 -16.73 31.29 8.00
CA PRO C 195 -17.96 32.08 7.94
C PRO C 195 -18.80 31.89 6.69
N VAL C 196 -20.08 31.60 6.89
CA VAL C 196 -21.02 31.38 5.80
C VAL C 196 -21.13 32.64 4.92
N GLY C 197 -21.01 32.43 3.62
CA GLY C 197 -21.10 33.54 2.68
C GLY C 197 -19.88 34.45 2.67
N GLY C 198 -18.91 34.16 3.54
CA GLY C 198 -17.72 34.98 3.61
C GLY C 198 -16.69 34.62 2.55
N PHE C 199 -15.51 35.23 2.65
CA PHE C 199 -14.42 35.00 1.71
C PHE C 199 -13.10 34.80 2.43
N VAL C 200 -12.26 33.94 1.88
CA VAL C 200 -10.95 33.69 2.47
C VAL C 200 -9.90 34.05 1.43
N GLU C 201 -8.88 34.78 1.85
CA GLU C 201 -7.83 35.20 0.94
C GLU C 201 -6.55 34.40 1.14
N VAL C 202 -6.08 33.79 0.06
CA VAL C 202 -4.86 32.99 0.09
C VAL C 202 -4.21 33.01 -1.30
N GLY C 203 -2.90 33.19 -1.33
CA GLY C 203 -2.18 33.21 -2.59
C GLY C 203 -2.59 34.36 -3.50
N GLY C 204 -3.07 35.44 -2.91
CA GLY C 204 -3.49 36.59 -3.69
C GLY C 204 -4.87 36.44 -4.28
N ARG C 205 -5.58 35.37 -3.90
CA ARG C 205 -6.92 35.13 -4.42
C ARG C 205 -8.00 35.23 -3.34
N ARG C 206 -9.22 35.55 -3.78
CA ARG C 206 -10.37 35.66 -2.89
C ARG C 206 -11.23 34.43 -3.16
N VAL C 207 -11.29 33.51 -2.20
CA VAL C 207 -12.06 32.29 -2.35
C VAL C 207 -13.32 32.33 -1.48
N PRO C 208 -14.49 32.05 -2.08
CA PRO C 208 -15.74 32.05 -1.32
C PRO C 208 -15.88 30.83 -0.42
N VAL C 209 -16.45 31.05 0.77
CA VAL C 209 -16.67 29.98 1.72
C VAL C 209 -18.09 29.47 1.50
N ARG C 210 -18.25 28.15 1.45
CA ARG C 210 -19.56 27.55 1.24
C ARG C 210 -19.75 26.29 2.06
N ARG C 211 -20.98 25.79 2.09
CA ARG C 211 -21.31 24.58 2.84
C ARG C 211 -21.61 23.44 1.87
N THR C 212 -22.37 23.77 0.82
CA THR C 212 -22.74 22.80 -0.20
C THR C 212 -22.05 23.15 -1.51
N PHE C 213 -21.73 22.13 -2.30
CA PHE C 213 -21.05 22.34 -3.57
C PHE C 213 -21.92 21.91 -4.75
N GLY C 214 -22.10 22.83 -5.70
CA GLY C 214 -22.90 22.54 -6.87
C GLY C 214 -23.29 23.82 -7.58
N GLY C 219 -12.90 23.06 -11.71
CA GLY C 219 -11.79 24.03 -11.89
C GLY C 219 -11.91 25.26 -11.02
N ALA C 220 -13.04 25.41 -10.35
CA ALA C 220 -13.28 26.54 -9.47
C ALA C 220 -12.88 26.20 -8.03
N PRO C 221 -12.29 27.17 -7.31
CA PRO C 221 -11.85 27.01 -5.91
C PRO C 221 -12.95 27.37 -4.92
N VAL C 222 -13.01 26.66 -3.80
CA VAL C 222 -14.01 26.92 -2.78
C VAL C 222 -13.45 26.59 -1.38
N ALA C 223 -13.88 27.35 -0.39
CA ALA C 223 -13.44 27.14 0.99
C ALA C 223 -14.61 26.61 1.82
N TYR C 224 -14.31 25.76 2.79
CA TYR C 224 -15.35 25.16 3.64
C TYR C 224 -14.69 24.60 4.89
N LEU C 225 -15.48 24.32 5.92
CA LEU C 225 -14.93 23.75 7.13
C LEU C 225 -14.78 22.25 6.87
N GLY C 226 -13.56 21.75 7.01
CA GLY C 226 -13.27 20.35 6.76
C GLY C 226 -13.70 19.38 7.83
N SER C 227 -13.54 18.09 7.50
CA SER C 227 -13.92 17.01 8.41
C SER C 227 -13.20 17.01 9.75
N ALA C 228 -12.07 17.72 9.85
CA ALA C 228 -11.33 17.76 11.12
C ALA C 228 -11.57 19.08 11.85
N GLY C 229 -12.48 19.89 11.33
CA GLY C 229 -12.77 21.18 11.95
C GLY C 229 -11.89 22.33 11.51
N LEU C 230 -11.08 22.12 10.48
CA LEU C 230 -10.20 23.17 9.97
C LEU C 230 -10.68 23.65 8.61
N LEU C 231 -10.51 24.94 8.33
CA LEU C 231 -10.94 25.48 7.05
C LEU C 231 -10.06 24.88 5.95
N GLU C 232 -10.70 24.51 4.84
CA GLU C 232 -9.99 23.92 3.72
C GLU C 232 -10.30 24.67 2.44
N VAL C 233 -9.39 24.57 1.46
CA VAL C 233 -9.56 25.21 0.16
C VAL C 233 -9.38 24.14 -0.92
N ALA C 234 -10.43 23.91 -1.70
CA ALA C 234 -10.37 22.89 -2.74
C ALA C 234 -10.78 23.40 -4.11
N VAL C 235 -10.45 22.62 -5.14
CA VAL C 235 -10.80 22.94 -6.50
C VAL C 235 -11.62 21.75 -7.00
N ASN C 236 -12.81 22.02 -7.50
CA ASN C 236 -13.69 20.97 -8.00
C ASN C 236 -12.92 20.15 -9.05
N ARG C 237 -12.85 18.84 -8.85
CA ARG C 237 -12.16 17.96 -9.77
C ARG C 237 -10.81 18.54 -10.17
N GLY C 238 -10.08 19.04 -9.18
CA GLY C 238 -8.77 19.63 -9.44
C GLY C 238 -7.94 19.73 -8.18
N SER C 239 -6.72 20.23 -8.33
CA SER C 239 -5.80 20.39 -7.22
C SER C 239 -5.61 21.86 -6.88
N ALA C 240 -6.12 22.26 -5.72
CA ALA C 240 -5.99 23.64 -5.27
C ALA C 240 -4.51 23.98 -5.22
N ARG C 241 -3.70 23.01 -4.81
CA ARG C 241 -2.26 23.18 -4.72
C ARG C 241 -1.70 23.56 -6.10
N GLU C 242 -2.06 22.77 -7.11
CA GLU C 242 -1.60 23.00 -8.47
C GLU C 242 -2.25 24.23 -9.11
N ALA C 243 -3.57 24.18 -9.26
CA ALA C 243 -4.33 25.26 -9.87
C ALA C 243 -4.07 26.64 -9.27
N LEU C 244 -3.94 26.72 -7.95
CA LEU C 244 -3.71 28.00 -7.30
C LEU C 244 -2.25 28.24 -6.88
N GLY C 245 -1.39 27.28 -7.19
CA GLY C 245 0.02 27.41 -6.85
C GLY C 245 0.26 27.65 -5.37
N LEU C 246 -0.49 26.97 -4.52
CA LEU C 246 -0.36 27.14 -3.07
C LEU C 246 0.85 26.41 -2.50
N LYS C 247 1.30 26.89 -1.33
CA LYS C 247 2.42 26.29 -0.63
C LYS C 247 2.21 26.37 0.87
N GLU C 248 2.76 25.41 1.60
CA GLU C 248 2.63 25.39 3.06
C GLU C 248 3.22 26.66 3.66
N GLY C 249 2.59 27.17 4.71
CA GLY C 249 3.07 28.37 5.36
C GLY C 249 2.46 29.64 4.80
N MSE C 250 1.88 29.52 3.61
CA MSE C 250 1.26 30.67 2.96
C MSE C 250 0.15 31.21 3.86
O MSE C 250 -0.68 30.45 4.37
CB MSE C 250 0.69 30.22 1.62
CG MSE C 250 0.53 31.33 0.60
SE MSE C 250 0.15 30.52 -1.12
CE MSE C 250 1.95 30.04 -1.62
N PRO C 251 0.14 32.52 4.10
CA PRO C 251 -0.92 33.06 4.96
C PRO C 251 -2.33 32.96 4.38
N VAL C 252 -3.29 32.78 5.27
CA VAL C 252 -4.70 32.66 4.93
C VAL C 252 -5.40 33.69 5.81
N ARG C 253 -6.21 34.54 5.19
CA ARG C 253 -6.90 35.59 5.94
C ARG C 253 -8.40 35.67 5.67
N LEU C 254 -9.19 35.63 6.73
CA LEU C 254 -10.64 35.73 6.59
C LEU C 254 -11.01 37.18 6.33
N LEU C 255 -11.68 37.43 5.21
CA LEU C 255 -12.08 38.78 4.84
C LEU C 255 -13.41 39.14 5.50
#